data_6VLK
#
_entry.id   6VLK
#
_cell.length_a   118.318
_cell.length_b   118.318
_cell.length_c   749.026
_cell.angle_alpha   90.00
_cell.angle_beta   90.00
_cell.angle_gamma   120.00
#
_symmetry.space_group_name_H-M   'H 3 2'
#
loop_
_entity.id
_entity.type
_entity.pdbx_description
1 polymer 'Envelope glycoprotein B'
2 branched alpha-D-mannopyranose-(1-3)-[alpha-D-mannopyranose-(1-6)]alpha-D-mannopyranose-(1-6)-[alpha-D-mannopyranose-(1-3)]beta-D-mannopyranose-(1-4)-2-acetamido-2-deoxy-beta-D-glucopyranose-(1-4)-2-acetamido-2-deoxy-beta-D-glucopyranose
3 branched alpha-D-mannopyranose-(1-3)-[alpha-D-mannopyranose-(1-6)]beta-D-mannopyranose-(1-4)-2-acetamido-2-deoxy-beta-D-glucopyranose-(1-4)-2-acetamido-2-deoxy-beta-D-glucopyranose
4 branched 2-acetamido-2-deoxy-beta-D-glucopyranose-(1-4)-2-acetamido-2-deoxy-beta-D-glucopyranose
5 non-polymer 2-acetamido-2-deoxy-beta-D-glucopyranose
6 water water
#
_entity_poly.entity_id   1
_entity_poly.type   'polypeptide(L)'
_entity_poly.pdbx_seq_one_letter_code
;MSPCGYYSKWRNRDRPEYRRNLRFRRFFSSIHPNAAAGSGFNGPGVFITSVTGVWLCFLCIFSMFVTAVVSVSPSSFYES
LQVEPTQSEDITRSAHLGDGDEIREAIHKSQDAETKPTFYVCPPPTGSTIVRLEPPRTCPDYHLGKNFTEGIAVVYKENI
AAYKFKATVYYKDVIVSTAGAGSSGTQITNRYADRVPIPVSEITDTIDKFGKCSSKATYVRNNHKVEAFNEDKNPQDMPL
IASKYNSVGSKAWHTTNDTYMVAGTPGTYRTGTSVNCIIEEVEARSIFPYDSFGLSTGDIIYMSPFFGLRDGAYREHSNY
AMDRFHQFEGYRQRDLDTRALLEPAARNFLVTPHLTVGWNWKPKRTEVCSLVKWREVEDVVRDEYAHNFRFTMKTLSTTF
ISETNEFNLNQIHLSQCVKEEARAIINRIYTTRYNSSHVRTGDIQTYLARGGFVVVFQPLLSNSLARLYLQELVRENTNH
SPQKHPTRNTGSGGSVPVELRANRTITTTSSVEFAMLQFTYDHIQEHVNEMLARISSSWCQLQNRERALWSGLFPINPSA
LASTILDQRVKARILGDVISVSNCPELGSDTRIILQNSMRVSGSTTRCYSRPLISIVSLNGSGTVEGQLGTDNELIMSRD
LLEPCVANHKRYFLFGHHYVYYEDYRYVREIAVHDVGMISTYVDLNLTLLKDREFMPLQVYTRDELRDTGLLDYSEIQRR
NQMHSLRFYDIDKVVQGSHHHHHH
;
_entity_poly.pdbx_strand_id   A,B
#
loop_
_chem_comp.id
_chem_comp.type
_chem_comp.name
_chem_comp.formula
BMA D-saccharide, beta linking beta-D-mannopyranose 'C6 H12 O6'
MAN D-saccharide, alpha linking alpha-D-mannopyranose 'C6 H12 O6'
NAG D-saccharide, beta linking 2-acetamido-2-deoxy-beta-D-glucopyranose 'C8 H15 N O6'
#
# COMPACT_ATOMS: atom_id res chain seq x y z
N THR A 115 41.31 -19.15 104.47
CA THR A 115 42.23 -18.27 105.18
C THR A 115 43.70 -18.61 104.90
N LYS A 116 44.26 -17.98 103.87
CA LYS A 116 45.66 -18.21 103.50
C LYS A 116 46.42 -16.89 103.36
N PRO A 117 47.18 -16.51 104.41
CA PRO A 117 47.92 -15.25 104.45
C PRO A 117 49.29 -15.35 103.79
N THR A 118 49.54 -14.54 102.76
CA THR A 118 50.83 -14.56 102.11
C THR A 118 51.71 -13.36 102.53
N PHE A 119 52.96 -13.62 102.89
CA PHE A 119 53.89 -12.55 103.24
C PHE A 119 55.01 -12.43 102.23
N TYR A 120 55.64 -11.26 102.20
CA TYR A 120 56.69 -11.01 101.22
C TYR A 120 58.00 -10.60 101.89
N VAL A 121 59.11 -10.90 101.22
CA VAL A 121 60.41 -10.42 101.65
C VAL A 121 61.10 -9.69 100.49
N CYS A 122 61.66 -8.52 100.78
CA CYS A 122 62.17 -7.63 99.72
C CYS A 122 63.64 -7.27 99.82
N PRO A 123 64.52 -8.08 99.19
CA PRO A 123 65.94 -7.74 99.06
C PRO A 123 66.15 -6.37 98.40
N PRO A 124 67.18 -5.63 98.85
CA PRO A 124 67.40 -4.29 98.29
C PRO A 124 67.76 -4.35 96.80
N PRO A 125 67.26 -3.38 96.01
CA PRO A 125 67.49 -3.34 94.56
C PRO A 125 68.95 -3.02 94.18
N THR A 126 69.59 -3.96 93.51
CA THR A 126 70.86 -3.71 92.84
C THR A 126 70.54 -2.94 91.55
N GLY A 127 71.57 -2.45 90.86
CA GLY A 127 71.33 -1.76 89.60
C GLY A 127 71.02 -2.71 88.45
N SER A 128 70.66 -3.96 88.79
CA SER A 128 70.43 -5.00 87.78
C SER A 128 69.25 -4.69 86.87
N THR A 129 68.19 -4.11 87.46
CA THR A 129 66.97 -3.80 86.70
C THR A 129 66.57 -2.33 86.86
N ILE A 130 66.99 -1.49 85.92
CA ILE A 130 66.54 -0.12 85.95
C ILE A 130 65.53 0.18 84.84
N VAL A 131 64.47 0.90 85.21
CA VAL A 131 63.42 1.23 84.25
C VAL A 131 63.15 2.73 84.25
N ARG A 132 62.38 3.18 83.27
CA ARG A 132 61.94 4.57 83.21
C ARG A 132 60.45 4.58 82.88
N LEU A 133 59.79 5.70 83.14
CA LEU A 133 58.36 5.80 82.91
C LEU A 133 58.12 6.14 81.45
N GLU A 134 57.31 5.32 80.77
CA GLU A 134 56.95 5.57 79.37
C GLU A 134 56.50 7.02 79.17
N PRO A 135 57.07 7.71 78.17
CA PRO A 135 56.65 9.08 77.86
C PRO A 135 55.21 9.07 77.35
N PRO A 136 54.55 10.24 77.36
CA PRO A 136 53.16 10.43 76.90
C PRO A 136 52.94 9.84 75.50
N ARG A 137 51.75 9.28 75.22
CA ARG A 137 51.50 8.70 73.87
C ARG A 137 50.84 9.68 72.94
N THR A 138 51.16 9.56 71.66
CA THR A 138 50.48 10.38 70.68
C THR A 138 49.01 9.95 70.61
N CYS A 139 48.11 10.93 70.67
CA CYS A 139 46.71 10.62 70.81
C CYS A 139 46.07 10.31 69.47
N PRO A 140 45.16 9.33 69.47
CA PRO A 140 44.67 8.78 68.20
C PRO A 140 44.03 9.87 67.35
N ASP A 141 44.04 9.66 66.04
CA ASP A 141 43.30 10.54 65.17
C ASP A 141 42.40 9.73 64.25
N TYR A 142 41.09 9.96 64.39
CA TYR A 142 40.11 9.39 63.47
C TYR A 142 39.73 10.51 62.51
N HIS A 143 40.01 10.29 61.23
CA HIS A 143 39.89 11.36 60.25
C HIS A 143 38.45 11.50 59.76
N LEU A 144 37.52 11.55 60.71
CA LEU A 144 36.10 11.73 60.44
C LEU A 144 35.87 13.10 59.84
N GLY A 145 34.63 13.41 59.50
CA GLY A 145 34.35 14.66 58.81
C GLY A 145 34.43 14.41 57.31
N LYS A 146 33.34 14.71 56.61
CA LYS A 146 33.27 14.46 55.18
C LYS A 146 32.87 15.72 54.44
N ASN A 147 33.33 15.85 53.20
CA ASN A 147 32.90 16.93 52.32
C ASN A 147 31.51 16.63 51.79
N PHE A 148 30.58 17.53 52.07
CA PHE A 148 29.21 17.36 51.60
C PHE A 148 28.71 18.56 50.81
N THR A 149 27.52 18.42 50.23
CA THR A 149 26.90 19.53 49.52
C THR A 149 25.37 19.49 49.68
N GLU A 150 24.81 20.54 50.30
CA GLU A 150 23.36 20.65 50.49
C GLU A 150 22.65 20.80 49.15
N GLY A 151 21.35 20.49 49.12
CA GLY A 151 20.63 20.52 47.86
C GLY A 151 19.16 20.14 47.95
N ILE A 152 18.51 20.18 46.78
CA ILE A 152 17.09 19.84 46.63
C ILE A 152 17.02 18.68 45.66
N ALA A 153 16.09 17.75 45.89
CA ALA A 153 15.94 16.64 44.95
C ALA A 153 14.49 16.35 44.56
N VAL A 154 14.32 15.87 43.34
CA VAL A 154 13.08 15.23 42.92
C VAL A 154 13.49 13.83 42.48
N VAL A 155 12.87 12.81 43.12
CA VAL A 155 13.17 11.42 42.79
C VAL A 155 12.07 10.83 41.90
N TYR A 156 12.50 10.16 40.83
CA TYR A 156 11.57 9.56 39.87
C TYR A 156 11.64 8.05 39.89
N LYS A 157 10.53 7.41 39.51
CA LYS A 157 10.47 5.95 39.46
C LYS A 157 9.93 5.53 38.10
N GLU A 158 10.21 4.29 37.74
CA GLU A 158 9.64 3.69 36.54
C GLU A 158 8.14 3.83 36.58
N ASN A 159 7.57 4.34 35.49
CA ASN A 159 6.12 4.42 35.38
C ASN A 159 5.56 3.08 34.94
N ILE A 160 4.78 2.44 35.80
CA ILE A 160 4.18 1.15 35.46
C ILE A 160 2.67 1.24 35.18
N ALA A 161 2.10 2.43 35.36
CA ALA A 161 0.66 2.59 35.19
C ALA A 161 0.25 2.68 33.70
N ALA A 162 -0.82 1.98 33.35
CA ALA A 162 -1.37 2.10 32.01
C ALA A 162 -1.79 3.54 31.72
N TYR A 163 -1.64 3.95 30.47
CA TYR A 163 -2.17 5.22 29.98
C TYR A 163 -3.68 5.06 29.81
N LYS A 164 -4.43 6.03 30.33
CA LYS A 164 -5.88 5.97 30.36
C LYS A 164 -6.50 7.13 29.61
N PHE A 165 -7.49 6.85 28.75
CA PHE A 165 -8.21 7.94 28.06
C PHE A 165 -9.64 7.58 27.76
N LYS A 166 -10.41 8.55 27.29
CA LYS A 166 -11.82 8.34 27.02
C LYS A 166 -12.02 8.09 25.53
N ALA A 167 -12.91 7.16 25.21
CA ALA A 167 -13.29 6.93 23.83
C ALA A 167 -14.78 6.63 23.76
N THR A 168 -15.29 6.48 22.54
CA THR A 168 -16.71 6.19 22.35
C THR A 168 -16.78 5.08 21.32
N VAL A 169 -17.65 4.09 21.56
CA VAL A 169 -17.89 3.05 20.55
C VAL A 169 -19.25 3.23 19.91
N TYR A 170 -19.29 2.96 18.60
CA TYR A 170 -20.49 3.10 17.80
C TYR A 170 -20.77 1.78 17.10
N TYR A 171 -21.85 1.12 17.49
CA TYR A 171 -22.20 -0.12 16.80
C TYR A 171 -23.71 -0.37 16.73
N LYS A 172 -24.08 -1.46 16.06
CA LYS A 172 -25.44 -1.94 16.06
C LYS A 172 -25.47 -3.42 16.43
N ASP A 173 -26.35 -3.77 17.36
CA ASP A 173 -26.67 -5.16 17.63
C ASP A 173 -27.62 -5.63 16.54
N VAL A 174 -27.16 -6.56 15.68
CA VAL A 174 -28.03 -7.20 14.72
C VAL A 174 -28.38 -8.62 15.18
N ILE A 175 -29.67 -8.90 15.30
CA ILE A 175 -30.09 -10.20 15.79
C ILE A 175 -31.19 -10.80 14.91
N VAL A 176 -30.85 -11.86 14.18
CA VAL A 176 -31.81 -12.53 13.32
C VAL A 176 -32.33 -13.82 13.95
N SER A 177 -33.65 -13.93 14.13
CA SER A 177 -34.24 -15.09 14.79
C SER A 177 -35.23 -15.86 13.91
N THR A 178 -35.08 -17.17 13.91
CA THR A 178 -36.02 -18.04 13.21
C THR A 178 -36.80 -18.86 14.23
N ALA A 179 -38.12 -18.71 14.22
CA ALA A 179 -38.98 -19.44 15.12
C ALA A 179 -39.99 -20.33 14.36
N GLY A 180 -40.20 -21.53 14.89
CA GLY A 180 -41.24 -22.41 14.39
C GLY A 180 -42.40 -22.50 15.38
N ALA A 181 -43.62 -22.33 14.86
CA ALA A 181 -44.80 -22.48 15.68
C ALA A 181 -45.26 -23.93 15.59
N GLY A 182 -45.71 -24.47 16.72
CA GLY A 182 -46.22 -25.82 16.74
C GLY A 182 -47.58 -25.90 17.40
N SER A 183 -48.00 -27.11 17.75
CA SER A 183 -49.23 -27.34 18.48
C SER A 183 -49.13 -26.76 19.89
N SER A 184 -48.10 -27.20 20.60
CA SER A 184 -47.83 -26.74 21.96
C SER A 184 -47.55 -25.24 22.03
N GLY A 185 -46.55 -24.77 21.27
CA GLY A 185 -46.17 -23.38 21.31
C GLY A 185 -45.10 -22.98 20.29
N THR A 186 -44.27 -22.01 20.67
CA THR A 186 -43.25 -21.51 19.77
C THR A 186 -41.85 -22.04 20.13
N GLN A 187 -41.07 -22.42 19.12
CA GLN A 187 -39.72 -22.89 19.37
C GLN A 187 -38.74 -22.06 18.56
N ILE A 188 -37.70 -21.54 19.23
CA ILE A 188 -36.64 -20.81 18.53
C ILE A 188 -35.63 -21.79 17.93
N THR A 189 -35.42 -21.66 16.63
CA THR A 189 -34.67 -22.63 15.84
C THR A 189 -33.26 -22.10 15.56
N ASN A 190 -33.16 -20.79 15.55
CA ASN A 190 -31.89 -20.12 15.35
C ASN A 190 -31.93 -18.69 15.84
N ARG A 191 -30.86 -18.27 16.50
CA ARG A 191 -30.67 -16.87 16.89
C ARG A 191 -29.28 -16.43 16.48
N TYR A 192 -29.19 -15.77 15.33
CA TYR A 192 -27.91 -15.27 14.85
C TYR A 192 -27.66 -13.82 15.30
N ALA A 193 -26.68 -13.62 16.17
CA ALA A 193 -26.41 -12.30 16.72
C ALA A 193 -25.04 -11.78 16.28
N ASP A 194 -25.00 -10.50 15.92
CA ASP A 194 -23.78 -9.92 15.40
C ASP A 194 -23.72 -8.44 15.80
N ARG A 195 -22.52 -7.96 16.12
CA ARG A 195 -22.29 -6.55 16.38
C ARG A 195 -21.68 -5.97 15.11
N VAL A 196 -22.24 -4.89 14.58
CA VAL A 196 -21.70 -4.32 13.36
C VAL A 196 -21.34 -2.87 13.58
N PRO A 197 -20.31 -2.39 12.88
CA PRO A 197 -19.83 -1.00 13.01
C PRO A 197 -20.80 -0.04 12.39
N ILE A 198 -20.91 1.15 12.97
CA ILE A 198 -21.69 2.23 12.38
C ILE A 198 -20.74 3.03 11.52
N PRO A 199 -21.08 3.19 10.23
CA PRO A 199 -20.17 3.90 9.32
C PRO A 199 -19.98 5.35 9.72
N VAL A 200 -18.83 5.91 9.40
CA VAL A 200 -18.48 7.27 9.79
C VAL A 200 -19.46 8.30 9.26
N SER A 201 -19.91 8.08 8.03
CA SER A 201 -20.91 8.95 7.42
C SER A 201 -22.18 9.05 8.28
N GLU A 202 -22.67 7.92 8.78
CA GLU A 202 -23.82 7.93 9.70
C GLU A 202 -23.49 8.69 10.98
N ILE A 203 -22.27 8.53 11.48
CA ILE A 203 -21.89 9.24 12.69
C ILE A 203 -21.81 10.74 12.48
N THR A 204 -21.17 11.16 11.38
CA THR A 204 -20.98 12.60 11.11
C THR A 204 -22.28 13.28 10.66
N ASP A 205 -23.05 12.60 9.81
CA ASP A 205 -24.24 13.22 9.18
C ASP A 205 -25.58 12.97 9.87
N THR A 206 -25.64 12.01 10.80
CA THR A 206 -26.92 11.64 11.41
C THR A 206 -26.88 11.63 12.94
N ILE A 207 -25.90 10.93 13.51
CA ILE A 207 -25.75 10.92 14.96
C ILE A 207 -25.34 12.28 15.52
N ASP A 208 -24.30 12.88 14.94
CA ASP A 208 -23.82 14.15 15.47
C ASP A 208 -24.57 15.40 15.01
N LYS A 209 -25.39 15.28 13.96
CA LYS A 209 -26.25 16.39 13.54
C LYS A 209 -27.63 16.34 14.22
N PHE A 210 -28.18 15.14 14.39
CA PHE A 210 -29.58 15.01 14.80
C PHE A 210 -29.82 14.16 16.03
N GLY A 211 -28.78 13.49 16.52
CA GLY A 211 -28.95 12.60 17.66
C GLY A 211 -29.83 11.41 17.32
N LYS A 212 -29.79 10.99 16.06
CA LYS A 212 -30.58 9.86 15.57
C LYS A 212 -29.71 8.82 14.90
N CYS A 213 -30.24 7.59 14.77
CA CYS A 213 -29.52 6.54 14.04
C CYS A 213 -30.45 5.67 13.19
N SER A 214 -30.01 5.34 11.98
CA SER A 214 -30.85 4.53 11.09
C SER A 214 -31.17 3.15 11.66
N SER A 215 -32.39 2.67 11.40
CA SER A 215 -32.84 1.37 11.92
C SER A 215 -32.44 0.28 10.94
N LYS A 216 -31.67 0.67 9.93
CA LYS A 216 -31.08 -0.24 8.95
C LYS A 216 -29.58 -0.31 9.20
N ALA A 217 -29.04 -1.52 9.34
CA ALA A 217 -27.59 -1.70 9.44
C ALA A 217 -27.04 -1.99 8.06
N THR A 218 -25.99 -1.26 7.68
CA THR A 218 -25.33 -1.45 6.41
C THR A 218 -23.86 -1.75 6.66
N TYR A 219 -23.46 -2.99 6.37
CA TYR A 219 -22.12 -3.45 6.72
C TYR A 219 -21.57 -4.54 5.79
N VAL A 220 -20.33 -4.95 6.06
CA VAL A 220 -19.70 -6.02 5.32
C VAL A 220 -19.40 -7.23 6.23
N ARG A 221 -19.67 -8.42 5.73
CA ARG A 221 -19.38 -9.64 6.47
C ARG A 221 -19.21 -10.72 5.41
N ASN A 222 -18.31 -11.66 5.65
CA ASN A 222 -17.98 -12.68 4.64
C ASN A 222 -17.64 -12.06 3.28
N ASN A 223 -16.95 -10.93 3.33
CA ASN A 223 -16.57 -10.18 2.14
C ASN A 223 -17.75 -9.75 1.27
N HIS A 224 -18.92 -9.58 1.87
CA HIS A 224 -20.07 -9.10 1.11
C HIS A 224 -20.69 -7.89 1.80
N LYS A 225 -21.12 -6.91 1.00
CA LYS A 225 -21.96 -5.82 1.50
C LYS A 225 -23.29 -6.45 1.83
N VAL A 226 -23.77 -6.24 3.04
CA VAL A 226 -25.02 -6.87 3.45
C VAL A 226 -25.82 -5.86 4.26
N GLU A 227 -27.07 -6.18 4.55
CA GLU A 227 -27.91 -5.25 5.29
C GLU A 227 -28.87 -5.96 6.23
N ALA A 228 -29.48 -5.16 7.11
CA ALA A 228 -30.44 -5.68 8.06
C ALA A 228 -31.37 -4.54 8.46
N PHE A 229 -32.65 -4.87 8.62
CA PHE A 229 -33.68 -3.88 8.86
C PHE A 229 -34.36 -4.21 10.17
N ASN A 230 -34.40 -3.26 11.09
CA ASN A 230 -35.14 -3.51 12.32
C ASN A 230 -36.60 -3.79 11.98
N GLU A 231 -37.13 -4.88 12.53
CA GLU A 231 -38.53 -5.28 12.32
C GLU A 231 -38.86 -5.55 10.86
N ASP A 232 -37.82 -5.63 10.02
CA ASP A 232 -37.95 -5.88 8.59
C ASP A 232 -38.86 -4.85 7.95
N LYS A 233 -38.77 -3.62 8.47
CA LYS A 233 -39.54 -2.50 7.95
C LYS A 233 -38.60 -1.52 7.27
N ASN A 234 -39.18 -0.52 6.61
CA ASN A 234 -38.37 0.51 5.97
C ASN A 234 -37.56 1.28 7.01
N PRO A 235 -36.35 1.71 6.62
CA PRO A 235 -35.45 2.43 7.51
C PRO A 235 -36.07 3.71 8.02
N GLN A 236 -35.93 3.98 9.31
CA GLN A 236 -36.23 5.28 9.87
C GLN A 236 -35.03 5.72 10.70
N ASP A 237 -34.82 7.02 10.79
CA ASP A 237 -33.79 7.56 11.65
C ASP A 237 -34.33 7.64 13.07
N MET A 238 -33.92 6.69 13.91
CA MET A 238 -34.47 6.58 15.26
C MET A 238 -33.73 7.46 16.27
N PRO A 239 -34.50 8.12 17.15
CA PRO A 239 -33.87 8.92 18.22
C PRO A 239 -33.02 8.06 19.14
N LEU A 240 -31.84 8.56 19.48
CA LEU A 240 -30.97 7.88 20.43
C LEU A 240 -31.35 8.25 21.86
N ILE A 241 -31.66 7.24 22.66
CA ILE A 241 -32.21 7.46 24.01
C ILE A 241 -31.26 6.91 25.07
N ALA A 242 -31.07 7.68 26.14
CA ALA A 242 -30.18 7.28 27.24
C ALA A 242 -30.59 5.96 27.87
N SER A 243 -29.61 5.10 28.15
CA SER A 243 -29.90 3.84 28.82
C SER A 243 -30.32 4.10 30.25
N LYS A 244 -31.24 3.29 30.78
CA LYS A 244 -31.71 3.51 32.13
C LYS A 244 -30.62 3.37 33.20
N TYR A 245 -29.47 2.80 32.85
CA TYR A 245 -28.41 2.64 33.86
C TYR A 245 -27.40 3.77 33.79
N ASN A 246 -27.71 4.78 32.98
CA ASN A 246 -26.79 5.91 32.89
C ASN A 246 -26.59 6.59 34.23
N SER A 247 -25.34 6.93 34.50
CA SER A 247 -24.97 7.54 35.76
C SER A 247 -23.62 8.24 35.53
N VAL A 248 -23.17 9.02 36.50
CA VAL A 248 -21.86 9.63 36.38
C VAL A 248 -20.85 8.48 36.41
N GLY A 249 -20.04 8.41 35.37
CA GLY A 249 -19.23 7.23 35.14
C GLY A 249 -19.50 6.75 33.73
N SER A 250 -20.37 5.74 33.59
CA SER A 250 -20.63 5.16 32.28
C SER A 250 -22.01 5.44 31.67
N LYS A 251 -21.99 6.15 30.55
CA LYS A 251 -23.20 6.57 29.86
C LYS A 251 -23.30 5.86 28.51
N ALA A 252 -24.51 5.55 28.09
CA ALA A 252 -24.74 4.94 26.79
C ALA A 252 -26.13 5.28 26.23
N TRP A 253 -26.27 5.21 24.92
CA TRP A 253 -27.55 5.49 24.26
C TRP A 253 -27.92 4.41 23.27
N HIS A 254 -29.22 4.24 23.06
CA HIS A 254 -29.69 3.22 22.11
C HIS A 254 -31.04 3.61 21.52
N THR A 255 -31.50 2.83 20.55
CA THR A 255 -32.69 3.18 19.77
C THR A 255 -33.91 2.28 20.00
N THR A 256 -33.70 1.11 20.60
CA THR A 256 -34.83 0.24 20.91
C THR A 256 -34.55 -0.61 22.14
N ASN A 257 -35.63 -1.10 22.77
CA ASN A 257 -35.58 -1.98 23.93
C ASN A 257 -36.06 -3.37 23.56
N ASP A 258 -36.39 -3.54 22.28
CA ASP A 258 -37.04 -4.77 21.82
C ASP A 258 -36.14 -5.63 20.97
N THR A 259 -36.35 -6.95 21.02
CA THR A 259 -35.68 -7.87 20.11
C THR A 259 -36.74 -8.51 19.21
N TYR A 260 -37.03 -7.87 18.09
CA TYR A 260 -38.10 -8.28 17.19
C TYR A 260 -37.93 -9.70 16.67
N MET A 261 -38.94 -10.51 16.90
CA MET A 261 -39.02 -11.81 16.27
C MET A 261 -40.49 -12.18 16.05
N VAL A 262 -40.75 -13.04 15.07
CA VAL A 262 -42.13 -13.38 14.73
C VAL A 262 -42.37 -14.88 14.60
N ALA A 263 -43.38 -15.40 15.31
CA ALA A 263 -43.69 -16.83 15.27
C ALA A 263 -44.53 -17.23 14.05
N GLY A 264 -45.78 -16.78 14.02
CA GLY A 264 -46.68 -17.13 12.95
C GLY A 264 -47.51 -18.38 13.25
N THR A 265 -48.16 -18.92 12.22
CA THR A 265 -49.06 -20.08 12.37
C THR A 265 -48.33 -21.42 12.21
N PRO A 266 -48.72 -22.42 13.03
CA PRO A 266 -48.10 -23.75 13.15
C PRO A 266 -47.76 -24.41 11.80
N GLY A 267 -46.66 -25.16 11.78
CA GLY A 267 -46.18 -25.79 10.58
C GLY A 267 -45.15 -24.94 9.87
N THR A 268 -45.12 -23.64 10.20
CA THR A 268 -44.24 -22.68 9.51
C THR A 268 -43.01 -22.21 10.31
N TYR A 269 -41.98 -21.85 9.58
CA TYR A 269 -40.81 -21.19 10.12
C TYR A 269 -40.79 -19.73 9.66
N ARG A 270 -40.77 -18.81 10.62
CA ARG A 270 -40.65 -17.39 10.28
C ARG A 270 -39.36 -16.79 10.82
N THR A 271 -38.79 -15.87 10.05
CA THR A 271 -37.58 -15.19 10.44
C THR A 271 -37.87 -13.69 10.64
N GLY A 272 -37.27 -13.11 11.67
CA GLY A 272 -37.42 -11.70 11.96
C GLY A 272 -36.11 -11.06 12.37
N THR A 273 -35.94 -9.78 12.03
CA THR A 273 -34.69 -9.11 12.30
C THR A 273 -34.82 -7.97 13.31
N SER A 274 -33.88 -7.93 14.25
CA SER A 274 -33.77 -6.87 15.23
C SER A 274 -32.49 -6.10 14.98
N VAL A 275 -32.60 -4.79 14.84
CA VAL A 275 -31.43 -3.92 14.79
C VAL A 275 -31.57 -2.84 15.86
N ASN A 276 -30.61 -2.84 16.79
CA ASN A 276 -30.58 -1.90 17.91
C ASN A 276 -29.28 -1.13 17.83
N CYS A 277 -29.41 0.16 17.58
CA CYS A 277 -28.26 1.02 17.31
C CYS A 277 -27.74 1.50 18.68
N ILE A 278 -26.45 1.28 18.98
CA ILE A 278 -25.91 1.50 20.32
C ILE A 278 -24.63 2.36 20.33
N ILE A 279 -24.60 3.35 21.21
CA ILE A 279 -23.41 4.19 21.38
C ILE A 279 -23.03 4.16 22.83
N GLU A 280 -21.80 3.74 23.15
CA GLU A 280 -21.33 3.75 24.56
C GLU A 280 -20.12 4.62 24.73
N GLU A 281 -20.09 5.37 25.82
CA GLU A 281 -18.84 5.95 26.31
C GLU A 281 -18.07 4.87 27.04
N VAL A 282 -16.80 4.71 26.69
CA VAL A 282 -15.98 3.68 27.31
C VAL A 282 -14.66 4.24 27.85
N GLU A 283 -14.03 3.45 28.72
CA GLU A 283 -12.67 3.77 29.19
C GLU A 283 -11.68 3.02 28.30
N ALA A 284 -10.63 3.72 27.88
CA ALA A 284 -9.60 3.11 27.07
C ALA A 284 -8.26 3.03 27.84
N ARG A 285 -7.52 1.95 27.59
CA ARG A 285 -6.24 1.74 28.24
C ARG A 285 -5.17 1.32 27.23
N SER A 286 -3.96 1.81 27.43
CA SER A 286 -2.86 1.41 26.58
C SER A 286 -1.60 1.24 27.41
N ILE A 287 -0.83 0.21 27.12
CA ILE A 287 0.42 0.04 27.82
C ILE A 287 1.61 0.13 26.84
N PHE A 288 2.74 0.54 27.37
CA PHE A 288 3.98 0.65 26.61
C PHE A 288 4.21 -0.60 25.76
N PRO A 289 4.65 -0.42 24.50
CA PRO A 289 5.04 0.83 23.83
C PRO A 289 3.90 1.56 23.11
N TYR A 290 2.64 1.23 23.44
CA TYR A 290 1.47 1.96 22.94
C TYR A 290 1.15 1.69 21.48
N ASP A 291 1.17 0.41 21.11
CA ASP A 291 0.88 -0.04 19.75
C ASP A 291 -0.58 -0.40 19.58
N SER A 292 -1.31 -0.41 20.70
CA SER A 292 -2.70 -0.82 20.69
C SER A 292 -3.37 -0.23 21.91
N PHE A 293 -4.68 -0.36 21.98
CA PHE A 293 -5.39 0.00 23.21
C PHE A 293 -6.57 -0.93 23.47
N GLY A 294 -6.93 -1.07 24.75
CA GLY A 294 -8.04 -1.92 25.13
C GLY A 294 -9.19 -1.07 25.62
N LEU A 295 -10.41 -1.44 25.22
CA LEU A 295 -11.61 -0.72 25.61
C LEU A 295 -12.36 -1.47 26.71
N SER A 296 -13.13 -0.76 27.51
CA SER A 296 -13.85 -1.41 28.61
C SER A 296 -15.02 -2.28 28.12
N THR A 297 -15.19 -2.44 26.81
CA THR A 297 -16.12 -3.45 26.31
C THR A 297 -15.41 -4.78 26.14
N GLY A 298 -14.13 -4.84 26.48
CA GLY A 298 -13.31 -6.00 26.16
C GLY A 298 -12.61 -5.97 24.81
N ASP A 299 -12.96 -5.04 23.93
CA ASP A 299 -12.37 -5.02 22.59
C ASP A 299 -10.97 -4.46 22.58
N ILE A 300 -10.09 -5.11 21.79
CA ILE A 300 -8.72 -4.61 21.59
C ILE A 300 -8.69 -3.88 20.26
N ILE A 301 -8.07 -2.70 20.24
CA ILE A 301 -7.93 -1.94 19.01
C ILE A 301 -6.46 -1.96 18.60
N TYR A 302 -6.15 -2.52 17.43
CA TYR A 302 -4.74 -2.70 17.08
C TYR A 302 -4.13 -1.48 16.38
N MET A 303 -4.32 -0.32 16.99
CA MET A 303 -3.73 0.92 16.50
C MET A 303 -3.24 1.68 17.73
N SER A 304 -2.14 2.42 17.60
CA SER A 304 -1.68 3.30 18.67
C SER A 304 -2.78 4.33 18.98
N PRO A 305 -2.95 4.69 20.26
CA PRO A 305 -3.95 5.71 20.58
C PRO A 305 -3.47 7.07 20.10
N PHE A 306 -2.21 7.14 19.69
CA PHE A 306 -1.59 8.38 19.28
C PHE A 306 -1.43 8.49 17.77
N PHE A 307 -1.97 7.52 17.04
CA PHE A 307 -1.98 7.58 15.59
C PHE A 307 -2.84 8.74 15.11
N GLY A 308 -2.35 9.44 14.08
CA GLY A 308 -3.04 10.58 13.52
C GLY A 308 -2.29 11.00 12.27
N LEU A 309 -2.68 12.12 11.67
CA LEU A 309 -2.06 12.56 10.41
C LEU A 309 -1.06 13.70 10.57
N ARG A 310 -1.05 14.33 11.75
CA ARG A 310 -0.20 15.50 11.98
C ARG A 310 1.01 15.14 12.81
N ASP A 311 2.06 15.97 12.73
CA ASP A 311 3.20 15.90 13.66
C ASP A 311 3.89 14.53 13.72
N GLY A 312 4.09 13.89 12.57
CA GLY A 312 4.70 12.58 12.55
C GLY A 312 3.86 11.43 13.14
N ALA A 313 2.62 11.71 13.55
CA ALA A 313 1.81 10.71 14.24
C ALA A 313 1.40 9.57 13.31
N TYR A 314 1.56 9.79 12.01
CA TYR A 314 1.22 8.79 11.01
C TYR A 314 2.24 7.66 11.01
N ARG A 315 3.33 7.80 11.77
CA ARG A 315 4.32 6.72 11.84
C ARG A 315 4.06 5.79 13.02
N GLU A 316 3.05 6.10 13.82
CA GLU A 316 2.64 5.22 14.92
C GLU A 316 2.11 3.91 14.37
N HIS A 317 2.04 2.91 15.23
CA HIS A 317 1.65 1.58 14.74
C HIS A 317 0.16 1.47 14.43
N SER A 318 -0.15 0.73 13.38
CA SER A 318 -1.51 0.32 13.12
C SER A 318 -1.56 -0.92 12.25
N ASN A 319 -2.54 -1.76 12.53
CA ASN A 319 -2.71 -2.98 11.79
C ASN A 319 -3.85 -2.88 10.77
N TYR A 320 -4.43 -1.69 10.62
CA TYR A 320 -5.61 -1.51 9.78
C TYR A 320 -5.29 -0.76 8.49
N ALA A 321 -5.90 -1.18 7.38
CA ALA A 321 -5.84 -0.43 6.12
C ALA A 321 -6.30 1.01 6.38
N MET A 322 -5.65 1.95 5.71
CA MET A 322 -5.92 3.37 5.94
C MET A 322 -7.36 3.80 5.72
N ASP A 323 -8.08 3.16 4.81
CA ASP A 323 -9.45 3.59 4.57
C ASP A 323 -10.39 3.30 5.76
N ARG A 324 -9.89 2.61 6.79
CA ARG A 324 -10.69 2.37 7.99
C ARG A 324 -10.51 3.48 9.00
N PHE A 325 -9.51 4.31 8.76
CA PHE A 325 -9.16 5.39 9.68
C PHE A 325 -9.59 6.72 9.13
N HIS A 326 -10.16 7.56 10.00
CA HIS A 326 -10.52 8.91 9.60
C HIS A 326 -10.10 9.86 10.72
N GLN A 327 -9.62 11.04 10.36
CA GLN A 327 -9.31 12.07 11.34
C GLN A 327 -9.90 13.41 10.93
N PHE A 328 -10.66 14.05 11.82
CA PHE A 328 -11.28 15.34 11.52
C PHE A 328 -10.80 16.46 12.46
N GLU A 329 -10.09 17.45 11.91
CA GLU A 329 -9.68 18.62 12.69
C GLU A 329 -10.88 19.48 13.08
N GLY A 330 -10.79 20.12 14.24
CA GLY A 330 -11.89 20.90 14.77
C GLY A 330 -13.24 20.22 14.72
N TYR A 331 -13.27 18.90 14.94
CA TYR A 331 -14.54 18.18 14.90
C TYR A 331 -15.42 18.53 16.10
N ARG A 332 -16.73 18.55 15.88
CA ARG A 332 -17.68 18.78 16.97
C ARG A 332 -18.64 17.60 17.20
N GLN A 333 -18.41 16.93 18.32
CA GLN A 333 -19.22 15.80 18.76
C GLN A 333 -20.50 16.32 19.41
N ARG A 334 -21.60 15.61 19.21
CA ARG A 334 -22.86 15.97 19.87
C ARG A 334 -22.99 15.35 21.25
N ASP A 335 -23.32 16.17 22.25
CA ASP A 335 -23.71 15.63 23.56
C ASP A 335 -25.15 15.14 23.43
N LEU A 336 -25.32 13.83 23.44
CA LEU A 336 -26.63 13.23 23.23
C LEU A 336 -27.67 13.62 24.29
N ASP A 337 -27.23 13.84 25.53
CA ASP A 337 -28.13 14.25 26.62
C ASP A 337 -28.57 15.73 26.58
N THR A 338 -27.63 16.65 26.40
CA THR A 338 -27.98 18.08 26.30
C THR A 338 -28.45 18.49 24.91
N ARG A 339 -28.29 17.60 23.92
CA ARG A 339 -28.61 17.89 22.51
C ARG A 339 -27.76 19.00 21.90
N ALA A 340 -26.70 19.40 22.60
CA ALA A 340 -25.84 20.49 22.13
C ALA A 340 -24.53 19.95 21.57
N LEU A 341 -23.85 20.78 20.75
CA LEU A 341 -22.52 20.44 20.24
C LEU A 341 -21.42 20.76 21.26
N LEU A 342 -20.52 19.81 21.49
CA LEU A 342 -19.39 20.01 22.40
C LEU A 342 -18.30 20.79 21.67
N GLU A 343 -17.23 21.11 22.40
CA GLU A 343 -16.16 21.93 21.84
C GLU A 343 -15.34 21.22 20.77
N PRO A 344 -14.81 21.98 19.80
CA PRO A 344 -14.09 21.38 18.68
C PRO A 344 -12.78 20.75 19.11
N ALA A 345 -12.47 19.57 18.59
CA ALA A 345 -11.16 18.95 18.82
C ALA A 345 -10.90 17.92 17.73
N ALA A 346 -9.62 17.71 17.44
CA ALA A 346 -9.23 16.69 16.48
C ALA A 346 -9.74 15.33 16.96
N ARG A 347 -10.54 14.68 16.12
CA ARG A 347 -11.19 13.42 16.50
C ARG A 347 -10.85 12.29 15.53
N ASN A 348 -10.45 11.15 16.07
CA ASN A 348 -10.20 9.95 15.28
C ASN A 348 -11.43 9.06 15.23
N PHE A 349 -11.62 8.37 14.11
CA PHE A 349 -12.62 7.32 14.01
C PHE A 349 -11.93 6.16 13.33
N LEU A 350 -12.09 4.97 13.88
CA LEU A 350 -11.54 3.79 13.22
C LEU A 350 -12.63 2.75 13.11
N VAL A 351 -12.93 2.29 11.90
CA VAL A 351 -13.94 1.23 11.76
C VAL A 351 -13.35 -0.18 11.68
N THR A 352 -13.73 -1.01 12.66
CA THR A 352 -13.28 -2.39 12.74
C THR A 352 -14.45 -3.29 12.32
N PRO A 353 -14.22 -4.61 12.13
CA PRO A 353 -15.38 -5.38 11.68
C PRO A 353 -16.57 -5.46 12.66
N HIS A 354 -16.40 -5.17 13.95
CA HIS A 354 -17.58 -5.23 14.83
C HIS A 354 -18.05 -3.88 15.44
N LEU A 355 -17.20 -2.86 15.37
CA LEU A 355 -17.58 -1.56 15.91
C LEU A 355 -16.75 -0.47 15.30
N THR A 356 -17.23 0.77 15.41
CA THR A 356 -16.42 1.95 15.13
C THR A 356 -16.02 2.58 16.47
N VAL A 357 -14.75 2.93 16.62
CA VAL A 357 -14.28 3.67 17.80
C VAL A 357 -14.03 5.14 17.46
N GLY A 358 -14.41 6.04 18.37
CA GLY A 358 -14.10 7.45 18.22
C GLY A 358 -13.36 7.96 19.44
N TRP A 359 -12.28 8.70 19.24
CA TRP A 359 -11.57 9.32 20.36
C TRP A 359 -10.91 10.62 19.94
N ASN A 360 -10.74 11.52 20.90
CA ASN A 360 -10.13 12.82 20.63
C ASN A 360 -8.62 12.71 20.68
N TRP A 361 -7.98 12.99 19.53
CA TRP A 361 -6.55 12.75 19.39
C TRP A 361 -5.67 13.74 20.17
N LYS A 362 -4.67 13.20 20.87
CA LYS A 362 -3.65 14.03 21.53
C LYS A 362 -2.27 13.46 21.20
N PRO A 363 -1.30 14.34 20.99
CA PRO A 363 0.05 13.86 20.65
C PRO A 363 0.68 13.08 21.80
N LYS A 364 1.45 12.05 21.44
CA LYS A 364 2.14 11.18 22.39
C LYS A 364 3.06 11.94 23.36
N ARG A 365 3.82 12.92 22.84
CA ARG A 365 4.77 13.70 23.64
C ARG A 365 4.20 14.25 24.93
N THR A 366 2.94 14.65 24.93
CA THR A 366 2.34 15.34 26.06
C THR A 366 1.52 14.41 26.95
N GLU A 367 1.44 13.14 26.56
CA GLU A 367 0.49 12.21 27.17
C GLU A 367 1.14 11.11 28.00
N VAL A 368 2.29 10.62 27.55
CA VAL A 368 2.96 9.55 28.27
C VAL A 368 4.42 9.86 28.61
N CYS A 369 4.88 9.27 29.71
CA CYS A 369 6.26 9.37 30.13
C CYS A 369 6.63 8.06 30.80
N SER A 370 7.86 7.60 30.57
CA SER A 370 8.28 6.33 31.12
C SER A 370 8.71 6.47 32.58
N LEU A 371 8.87 7.72 33.04
CA LEU A 371 9.22 7.94 34.46
C LEU A 371 8.15 8.80 35.10
N VAL A 372 7.97 8.65 36.41
CA VAL A 372 6.97 9.42 37.14
C VAL A 372 7.52 9.80 38.51
N LYS A 373 7.15 10.99 38.96
CA LYS A 373 7.58 11.49 40.26
C LYS A 373 7.18 10.56 41.40
N TRP A 374 8.17 10.24 42.24
CA TRP A 374 7.95 9.46 43.45
C TRP A 374 7.87 10.36 44.68
N ARG A 375 8.78 11.33 44.75
CA ARG A 375 8.92 12.18 45.94
C ARG A 375 9.75 13.42 45.60
N GLU A 376 9.25 14.59 45.96
CA GLU A 376 10.13 15.77 45.91
C GLU A 376 10.74 15.96 47.29
N VAL A 377 12.01 16.30 47.35
CA VAL A 377 12.72 16.27 48.63
C VAL A 377 13.48 17.58 48.88
N GLU A 378 13.08 18.27 49.94
CA GLU A 378 13.63 19.59 50.24
C GLU A 378 14.99 19.55 50.93
N ASP A 379 15.14 18.68 51.92
CA ASP A 379 16.42 18.60 52.62
C ASP A 379 17.22 17.40 52.14
N VAL A 380 18.24 17.66 51.33
CA VAL A 380 19.08 16.60 50.82
C VAL A 380 20.55 16.94 51.04
N VAL A 381 21.33 15.95 51.43
CA VAL A 381 22.77 16.16 51.51
C VAL A 381 23.48 15.11 50.68
N ARG A 382 24.28 15.56 49.73
CA ARG A 382 25.09 14.66 48.93
C ARG A 382 26.55 14.65 49.41
N ASP A 383 27.15 13.48 49.50
CA ASP A 383 28.57 13.35 49.82
C ASP A 383 29.22 12.23 49.02
N GLU A 384 30.54 12.22 48.94
CA GLU A 384 31.28 11.15 48.27
C GLU A 384 31.56 10.05 49.27
N TYR A 385 31.08 8.85 48.96
CA TYR A 385 31.05 7.78 49.94
C TYR A 385 31.28 6.45 49.24
N ALA A 386 32.39 5.80 49.57
CA ALA A 386 32.84 4.58 48.89
C ALA A 386 32.83 4.73 47.37
N HIS A 387 33.55 5.74 46.87
CA HIS A 387 33.70 5.99 45.42
C HIS A 387 32.39 6.29 44.69
N ASN A 388 31.34 6.58 45.45
CA ASN A 388 30.01 6.84 44.91
C ASN A 388 29.46 8.15 45.45
N PHE A 389 28.29 8.56 44.95
CA PHE A 389 27.57 9.67 45.56
C PHE A 389 26.49 9.10 46.50
N ARG A 390 26.37 9.70 47.68
CA ARG A 390 25.37 9.30 48.66
C ARG A 390 24.37 10.45 48.83
N PHE A 391 23.09 10.17 48.62
CA PHE A 391 22.05 11.19 48.82
C PHE A 391 21.27 10.85 50.07
N THR A 392 21.63 11.51 51.17
CA THR A 392 20.97 11.30 52.46
C THR A 392 19.78 12.23 52.59
N MET A 393 18.61 11.65 52.88
CA MET A 393 17.36 12.40 52.88
C MET A 393 16.67 12.24 54.23
N LYS A 394 17.05 13.07 55.20
CA LYS A 394 16.65 12.85 56.59
C LYS A 394 15.14 12.97 56.83
N THR A 395 14.45 13.73 55.98
CA THR A 395 12.99 13.81 56.06
C THR A 395 12.26 12.54 55.60
N LEU A 396 12.93 11.70 54.82
CA LEU A 396 12.35 10.43 54.40
C LEU A 396 12.96 9.23 55.15
N SER A 397 13.97 9.50 55.97
CA SER A 397 14.80 8.46 56.57
C SER A 397 15.25 7.44 55.52
N THR A 398 15.74 7.98 54.39
CA THR A 398 16.04 7.17 53.22
C THR A 398 17.33 7.68 52.60
N THR A 399 18.19 6.77 52.18
CA THR A 399 19.42 7.17 51.49
C THR A 399 19.59 6.46 50.13
N PHE A 400 19.82 7.23 49.08
CA PHE A 400 20.03 6.65 47.76
C PHE A 400 21.48 6.77 47.38
N ILE A 401 21.95 5.79 46.62
CA ILE A 401 23.34 5.78 46.19
C ILE A 401 23.51 5.61 44.67
N SER A 402 24.20 6.55 44.06
CA SER A 402 24.54 6.46 42.63
C SER A 402 26.05 6.53 42.42
N GLU A 403 26.48 6.24 41.20
CA GLU A 403 27.80 6.60 40.74
C GLU A 403 27.96 8.13 40.71
N THR A 404 29.22 8.58 40.70
CA THR A 404 29.52 10.01 40.66
C THR A 404 29.23 10.60 39.28
N ASN A 405 29.29 9.76 38.26
CA ASN A 405 28.91 10.16 36.90
C ASN A 405 27.43 10.48 36.78
N GLU A 406 27.10 11.63 36.21
CA GLU A 406 25.71 11.92 35.86
C GLU A 406 25.16 10.86 34.90
N PHE A 407 23.84 10.69 34.93
CA PHE A 407 23.19 9.74 34.04
C PHE A 407 22.44 10.48 32.94
N ASN A 408 22.70 10.13 31.69
CA ASN A 408 22.02 10.82 30.60
C ASN A 408 20.65 10.21 30.32
N LEU A 409 19.60 10.95 30.66
CA LEU A 409 18.22 10.50 30.48
C LEU A 409 17.86 10.21 29.02
N ASN A 410 18.62 10.77 28.07
CA ASN A 410 18.32 10.55 26.66
C ASN A 410 18.47 9.09 26.21
N GLN A 411 19.08 8.27 27.07
CA GLN A 411 19.18 6.84 26.81
C GLN A 411 17.87 6.12 27.10
N ILE A 412 16.87 6.85 27.59
CA ILE A 412 15.60 6.23 27.96
C ILE A 412 14.44 6.76 27.13
N HIS A 413 13.71 5.81 26.54
CA HIS A 413 12.49 6.10 25.81
C HIS A 413 11.54 6.97 26.63
N LEU A 414 11.02 8.04 26.02
CA LEU A 414 9.97 8.85 26.62
C LEU A 414 10.32 9.45 27.98
N SER A 415 11.49 10.07 28.09
CA SER A 415 11.95 10.63 29.37
C SER A 415 11.95 12.16 29.40
N GLN A 416 11.30 12.77 28.41
CA GLN A 416 11.26 14.22 28.24
C GLN A 416 10.52 14.96 29.36
N CYS A 417 9.53 14.32 29.98
CA CYS A 417 8.75 15.01 31.01
C CYS A 417 9.59 15.34 32.25
N VAL A 418 10.69 14.60 32.45
CA VAL A 418 11.39 14.64 33.74
C VAL A 418 12.15 15.94 33.98
N LYS A 419 13.00 16.33 33.04
CA LYS A 419 13.84 17.53 33.21
C LYS A 419 13.01 18.78 33.43
N GLU A 420 12.00 18.99 32.58
CA GLU A 420 11.18 20.20 32.68
C GLU A 420 10.37 20.23 33.98
N GLU A 421 9.62 19.16 34.25
CA GLU A 421 8.86 19.06 35.48
C GLU A 421 9.76 19.21 36.72
N ALA A 422 10.95 18.60 36.67
CA ALA A 422 11.85 18.69 37.82
C ALA A 422 12.26 20.13 38.07
N ARG A 423 12.69 20.84 37.01
CA ARG A 423 13.09 22.24 37.10
C ARG A 423 12.04 23.09 37.79
N ALA A 424 10.80 22.94 37.35
CA ALA A 424 9.70 23.73 37.88
C ALA A 424 9.51 23.43 39.35
N ILE A 425 9.62 22.16 39.72
CA ILE A 425 9.47 21.76 41.12
C ILE A 425 10.59 22.37 41.96
N ILE A 426 11.82 22.16 41.52
CA ILE A 426 12.99 22.69 42.19
C ILE A 426 12.92 24.22 42.34
N ASN A 427 12.49 24.93 41.31
CA ASN A 427 12.31 26.38 41.39
C ASN A 427 11.33 26.73 42.51
N ARG A 428 10.17 26.08 42.51
CA ARG A 428 9.18 26.24 43.57
C ARG A 428 9.82 26.07 44.94
N ILE A 429 10.67 25.05 45.07
CA ILE A 429 11.32 24.78 46.35
C ILE A 429 12.25 25.94 46.71
N TYR A 430 13.21 26.21 45.83
CA TYR A 430 14.23 27.24 46.07
C TYR A 430 13.68 28.60 46.51
N THR A 431 12.77 29.17 45.74
CA THR A 431 12.26 30.51 46.00
C THR A 431 11.22 30.58 47.13
N THR A 432 10.93 29.44 47.74
CA THR A 432 9.91 29.39 48.80
C THR A 432 10.54 29.20 50.18
N ARG A 433 11.67 28.48 50.22
CA ARG A 433 12.28 28.12 51.51
C ARG A 433 13.80 28.33 51.55
N TYR A 434 14.39 28.70 50.42
CA TYR A 434 15.84 28.82 50.33
C TYR A 434 16.31 30.15 49.75
N ASN A 435 15.34 30.96 49.30
CA ASN A 435 15.61 32.21 48.56
C ASN A 435 16.60 33.14 49.27
N SER A 436 16.45 33.26 50.59
CA SER A 436 17.32 34.13 51.37
C SER A 436 18.61 33.42 51.85
N SER A 437 18.48 32.13 52.16
CA SER A 437 19.53 31.38 52.87
C SER A 437 20.64 30.79 52.00
N HIS A 438 20.28 30.23 50.85
CA HIS A 438 21.28 29.60 49.99
C HIS A 438 21.29 30.20 48.59
N VAL A 439 22.24 29.74 47.76
CA VAL A 439 22.21 30.00 46.33
C VAL A 439 22.49 28.72 45.53
N ARG A 440 21.96 28.63 44.31
CA ARG A 440 22.22 27.48 43.45
C ARG A 440 23.61 27.55 42.85
N THR A 441 24.37 26.47 42.95
CA THR A 441 25.76 26.47 42.46
C THR A 441 25.95 25.61 41.22
N GLY A 442 25.03 25.74 40.27
CA GLY A 442 25.18 25.06 39.01
C GLY A 442 23.81 24.82 38.41
N ASP A 443 23.78 24.04 37.34
CA ASP A 443 22.51 23.62 36.78
C ASP A 443 22.11 22.32 37.49
N ILE A 444 20.92 21.84 37.20
CA ILE A 444 20.46 20.57 37.73
C ILE A 444 21.32 19.40 37.24
N GLN A 445 21.46 18.39 38.09
CA GLN A 445 22.16 17.15 37.74
C GLN A 445 21.22 15.94 37.90
N THR A 446 21.47 14.90 37.12
CA THR A 446 20.63 13.71 37.17
C THR A 446 21.48 12.47 37.39
N TYR A 447 21.04 11.62 38.33
CA TYR A 447 21.80 10.43 38.67
C TYR A 447 20.92 9.20 38.68
N LEU A 448 21.50 8.05 38.35
CA LEU A 448 20.80 6.78 38.47
C LEU A 448 21.18 6.08 39.76
N ALA A 449 20.25 6.04 40.73
CA ALA A 449 20.50 5.40 42.02
C ALA A 449 20.18 3.91 41.99
N ARG A 450 20.85 3.18 42.88
CA ARG A 450 20.59 1.76 43.12
C ARG A 450 19.09 1.53 43.34
N GLY A 451 18.54 0.51 42.67
CA GLY A 451 17.12 0.22 42.79
C GLY A 451 16.32 0.78 41.64
N GLY A 452 16.97 1.53 40.77
CA GLY A 452 16.32 2.09 39.59
C GLY A 452 15.57 3.36 39.90
N PHE A 453 16.13 4.21 40.75
CA PHE A 453 15.50 5.50 41.01
C PHE A 453 16.27 6.60 40.28
N VAL A 454 15.58 7.56 39.71
CA VAL A 454 16.26 8.68 39.08
C VAL A 454 16.26 9.88 40.02
N VAL A 455 17.45 10.33 40.39
CA VAL A 455 17.61 11.46 41.31
C VAL A 455 17.92 12.72 40.49
N VAL A 456 17.05 13.72 40.63
CA VAL A 456 17.26 15.01 39.98
C VAL A 456 17.67 15.98 41.07
N PHE A 457 18.94 16.38 41.07
CA PHE A 457 19.57 17.08 42.21
C PHE A 457 20.03 18.51 41.87
N GLN A 458 19.56 19.49 42.65
CA GLN A 458 20.04 20.88 42.53
C GLN A 458 21.00 21.24 43.68
N PRO A 459 22.30 21.37 43.38
CA PRO A 459 23.26 21.75 44.43
C PRO A 459 23.01 23.17 44.94
N LEU A 460 23.22 23.34 46.24
CA LEU A 460 23.08 24.63 46.87
C LEU A 460 24.35 25.01 47.63
N LEU A 461 24.38 26.24 48.14
CA LEU A 461 25.44 26.70 49.03
C LEU A 461 24.88 27.78 49.94
N SER A 462 24.97 27.55 51.25
CA SER A 462 24.58 28.57 52.21
C SER A 462 25.50 29.77 52.03
N ASN A 463 25.04 30.93 52.50
CA ASN A 463 25.81 32.17 52.36
C ASN A 463 27.25 32.05 52.89
N SER A 464 27.38 31.51 54.11
CA SER A 464 28.67 31.23 54.72
C SER A 464 29.47 30.23 53.91
N ASN A 503 18.91 2.50 23.58
CA ASN A 503 17.67 2.93 24.21
C ASN A 503 17.06 1.88 25.14
N ARG A 504 17.23 2.08 26.44
CA ARG A 504 16.67 1.17 27.44
C ARG A 504 15.44 1.73 28.12
N THR A 505 14.91 0.95 29.06
CA THR A 505 13.98 1.43 30.04
C THR A 505 14.63 1.21 31.41
N ILE A 506 14.12 1.88 32.44
CA ILE A 506 14.61 1.69 33.78
C ILE A 506 13.62 0.84 34.55
N THR A 507 14.12 -0.22 35.20
CA THR A 507 13.30 -1.04 36.08
C THR A 507 13.51 -0.60 37.54
N THR A 508 12.45 -0.10 38.17
CA THR A 508 12.52 0.34 39.54
C THR A 508 12.10 -0.82 40.43
N THR A 509 12.83 -1.03 41.51
CA THR A 509 12.49 -2.09 42.46
C THR A 509 11.16 -1.78 43.18
N SER A 510 10.62 -2.78 43.85
CA SER A 510 9.29 -2.63 44.45
C SER A 510 9.32 -2.10 45.86
N SER A 511 10.50 -2.13 46.48
CA SER A 511 10.63 -1.70 47.88
C SER A 511 11.77 -0.69 48.06
N VAL A 512 11.53 0.37 48.84
CA VAL A 512 12.62 1.28 49.21
C VAL A 512 13.21 0.96 50.57
N GLU A 513 12.77 -0.14 51.18
CA GLU A 513 13.23 -0.50 52.52
C GLU A 513 14.76 -0.56 52.63
N PHE A 514 15.42 -1.12 51.62
CA PHE A 514 16.88 -1.23 51.63
C PHE A 514 17.51 0.16 51.80
N ALA A 515 16.87 1.18 51.24
CA ALA A 515 17.38 2.55 51.30
C ALA A 515 17.06 3.21 52.65
N MET A 516 16.01 2.73 53.30
CA MET A 516 15.76 3.14 54.69
C MET A 516 16.75 2.45 55.63
N LEU A 517 17.02 1.17 55.37
CA LEU A 517 18.07 0.44 56.08
C LEU A 517 19.37 1.20 55.91
N GLN A 518 19.69 1.52 54.66
CA GLN A 518 20.90 2.27 54.36
C GLN A 518 20.98 3.56 55.19
N PHE A 519 19.87 4.28 55.28
CA PHE A 519 19.85 5.49 56.08
C PHE A 519 20.09 5.19 57.58
N THR A 520 19.36 4.21 58.11
CA THR A 520 19.39 3.89 59.52
C THR A 520 20.77 3.43 59.96
N TYR A 521 21.42 2.59 59.14
CA TYR A 521 22.78 2.14 59.46
C TYR A 521 23.77 3.32 59.43
N ASP A 522 23.72 4.12 58.35
CA ASP A 522 24.60 5.29 58.24
C ASP A 522 24.49 6.24 59.45
N HIS A 523 23.26 6.47 59.90
CA HIS A 523 22.98 7.44 60.96
C HIS A 523 23.57 6.93 62.27
N ILE A 524 23.29 5.66 62.56
CA ILE A 524 23.82 5.01 63.74
C ILE A 524 25.34 4.92 63.68
N GLN A 525 25.89 4.50 62.55
CA GLN A 525 27.35 4.42 62.38
C GLN A 525 28.03 5.76 62.61
N GLU A 526 27.50 6.80 61.98
CA GLU A 526 28.08 8.11 62.11
C GLU A 526 28.07 8.53 63.58
N HIS A 527 26.97 8.30 64.27
CA HIS A 527 26.88 8.75 65.65
C HIS A 527 27.76 7.95 66.62
N VAL A 528 27.71 6.61 66.60
CA VAL A 528 28.58 5.89 67.51
C VAL A 528 30.05 6.05 67.13
N ASN A 529 30.36 6.14 65.84
CA ASN A 529 31.76 6.41 65.47
C ASN A 529 32.30 7.72 66.07
N GLU A 530 31.50 8.78 65.94
CA GLU A 530 31.91 10.06 66.45
C GLU A 530 32.08 10.00 67.98
N MET A 531 31.18 9.26 68.64
CA MET A 531 31.25 9.14 70.09
C MET A 531 32.42 8.25 70.52
N LEU A 532 32.64 7.15 69.82
CA LEU A 532 33.79 6.32 70.13
C LEU A 532 35.10 7.10 69.96
N ALA A 533 35.17 7.91 68.91
CA ALA A 533 36.35 8.74 68.66
C ALA A 533 36.60 9.77 69.77
N ARG A 534 35.52 10.29 70.37
CA ARG A 534 35.64 11.22 71.50
C ARG A 534 36.11 10.51 72.79
N ILE A 535 35.51 9.36 73.10
CA ILE A 535 35.93 8.55 74.24
C ILE A 535 37.41 8.24 74.09
N SER A 536 37.76 7.71 72.93
CA SER A 536 39.12 7.30 72.64
C SER A 536 40.11 8.47 72.81
N SER A 537 39.73 9.65 72.31
CA SER A 537 40.59 10.82 72.36
C SER A 537 40.73 11.36 73.80
N SER A 538 39.61 11.40 74.52
CA SER A 538 39.60 11.85 75.91
C SER A 538 40.36 10.87 76.81
N TRP A 539 40.19 9.58 76.55
CA TRP A 539 40.90 8.57 77.34
C TRP A 539 42.40 8.81 77.24
N CYS A 540 42.87 9.00 76.00
CA CYS A 540 44.31 9.20 75.77
C CYS A 540 44.83 10.45 76.49
N GLN A 541 44.14 11.56 76.32
CA GLN A 541 44.49 12.77 77.03
C GLN A 541 44.49 12.56 78.54
N LEU A 542 43.53 11.78 79.05
CA LEU A 542 43.48 11.49 80.46
C LEU A 542 44.71 10.70 80.93
N GLN A 543 45.10 9.64 80.21
CA GLN A 543 46.29 8.88 80.63
C GLN A 543 47.51 9.81 80.69
N ASN A 544 47.71 10.58 79.62
CA ASN A 544 48.81 11.56 79.57
C ASN A 544 48.82 12.60 80.66
N ARG A 545 47.65 13.08 81.08
CA ARG A 545 47.60 14.00 82.21
C ARG A 545 48.03 13.27 83.48
N GLU A 546 47.48 12.07 83.68
CA GLU A 546 47.67 11.34 84.92
C GLU A 546 49.11 10.85 85.11
N ARG A 547 49.86 10.76 84.01
CA ARG A 547 51.26 10.36 84.07
C ARG A 547 52.00 11.30 85.03
N ALA A 548 51.65 12.58 85.00
CA ALA A 548 52.27 13.55 85.89
C ALA A 548 52.05 13.23 87.35
N LEU A 549 50.94 12.58 87.67
CA LEU A 549 50.71 12.19 89.06
C LEU A 549 51.62 11.04 89.39
N TRP A 550 51.69 10.09 88.48
CA TRP A 550 52.56 8.93 88.70
C TRP A 550 53.99 9.40 88.88
N SER A 551 54.44 10.26 87.98
CA SER A 551 55.79 10.78 88.03
C SER A 551 56.06 11.63 89.28
N GLY A 552 55.09 12.46 89.69
CA GLY A 552 55.33 13.36 90.81
C GLY A 552 55.32 12.61 92.14
N LEU A 553 54.44 11.62 92.25
CA LEU A 553 54.29 10.85 93.49
C LEU A 553 55.34 9.75 93.64
N PHE A 554 55.98 9.37 92.53
CA PHE A 554 56.93 8.24 92.56
C PHE A 554 57.99 8.32 93.69
N PRO A 555 58.62 9.52 93.88
CA PRO A 555 59.62 9.57 94.98
C PRO A 555 59.04 9.34 96.38
N ILE A 556 57.74 9.53 96.58
CA ILE A 556 57.18 9.32 97.91
C ILE A 556 57.05 7.82 98.25
N ASN A 557 56.70 6.99 97.28
CA ASN A 557 56.55 5.56 97.53
C ASN A 557 56.82 4.78 96.26
N PRO A 558 58.11 4.64 95.89
CA PRO A 558 58.48 4.02 94.63
C PRO A 558 58.00 2.58 94.54
N SER A 559 58.16 1.84 95.64
CA SER A 559 57.81 0.42 95.69
C SER A 559 56.32 0.15 95.44
N ALA A 560 55.46 0.94 96.10
CA ALA A 560 54.03 0.75 95.98
C ALA A 560 53.56 1.09 94.56
N LEU A 561 54.04 2.20 94.01
CA LEU A 561 53.64 2.54 92.62
C LEU A 561 54.19 1.53 91.61
N ALA A 562 55.47 1.19 91.71
CA ALA A 562 56.05 0.21 90.78
C ALA A 562 55.34 -1.14 90.86
N SER A 563 55.00 -1.57 92.08
CA SER A 563 54.31 -2.83 92.27
C SER A 563 52.94 -2.88 91.58
N THR A 564 52.27 -1.74 91.51
CA THR A 564 50.96 -1.69 90.88
C THR A 564 51.10 -1.68 89.36
N ILE A 565 52.01 -0.85 88.84
CA ILE A 565 52.27 -0.81 87.40
C ILE A 565 52.74 -2.18 86.85
N LEU A 566 53.65 -2.83 87.56
CA LEU A 566 54.20 -4.11 87.11
C LEU A 566 53.31 -5.30 87.47
N ASP A 567 52.24 -5.05 88.23
CA ASP A 567 51.37 -6.12 88.71
C ASP A 567 52.23 -7.22 89.37
N GLN A 568 53.13 -6.80 90.22
CA GLN A 568 54.12 -7.71 90.79
C GLN A 568 54.68 -7.03 92.01
N ARG A 569 54.82 -7.77 93.10
CA ARG A 569 55.38 -7.19 94.31
C ARG A 569 56.89 -6.94 94.16
N VAL A 570 57.27 -5.68 94.01
CA VAL A 570 58.67 -5.33 93.87
C VAL A 570 59.07 -4.29 94.90
N LYS A 571 60.37 -4.15 95.11
CA LYS A 571 60.93 -3.04 95.88
C LYS A 571 61.59 -2.11 94.86
N ALA A 572 61.34 -0.82 94.98
CA ALA A 572 61.88 0.13 94.00
C ALA A 572 62.66 1.25 94.70
N ARG A 573 63.71 1.75 94.05
CA ARG A 573 64.41 2.95 94.51
C ARG A 573 64.57 3.96 93.39
N ILE A 574 64.58 5.24 93.73
CA ILE A 574 64.91 6.26 92.75
C ILE A 574 66.42 6.47 92.65
N LEU A 575 66.98 6.33 91.45
CA LEU A 575 68.40 6.57 91.23
C LEU A 575 68.54 7.75 90.30
N GLY A 576 68.31 8.96 90.81
CA GLY A 576 68.27 10.14 89.96
C GLY A 576 66.95 10.19 89.19
N ASP A 577 67.01 9.96 87.88
CA ASP A 577 65.84 10.13 87.02
C ASP A 577 65.33 8.79 86.54
N VAL A 578 65.69 7.77 87.28
CA VAL A 578 65.45 6.40 86.84
C VAL A 578 64.99 5.56 88.03
N ILE A 579 64.26 4.48 87.75
CA ILE A 579 63.75 3.63 88.81
C ILE A 579 64.51 2.31 88.81
N SER A 580 64.92 1.87 89.99
CA SER A 580 65.63 0.60 90.15
C SER A 580 64.74 -0.33 90.96
N VAL A 581 64.47 -1.52 90.42
CA VAL A 581 63.49 -2.42 91.03
C VAL A 581 64.06 -3.80 91.31
N SER A 582 63.46 -4.52 92.24
CA SER A 582 63.85 -5.90 92.47
C SER A 582 62.64 -6.72 92.91
N ASN A 583 62.67 -8.01 92.63
CA ASN A 583 61.51 -8.81 92.94
C ASN A 583 61.46 -9.20 94.41
N CYS A 584 60.27 -9.11 95.01
CA CYS A 584 60.06 -9.52 96.39
C CYS A 584 59.36 -10.87 96.40
N PRO A 585 60.13 -11.96 96.59
CA PRO A 585 59.51 -13.29 96.64
C PRO A 585 58.58 -13.47 97.82
N GLU A 586 57.59 -14.33 97.64
CA GLU A 586 56.68 -14.69 98.71
C GLU A 586 57.46 -15.46 99.78
N LEU A 587 57.11 -15.23 101.04
CA LEU A 587 57.68 -16.01 102.12
C LEU A 587 57.16 -17.43 102.03
N GLY A 588 58.05 -18.41 102.09
CA GLY A 588 57.69 -19.80 101.88
C GLY A 588 57.12 -20.57 103.07
N SER A 589 56.75 -21.82 102.81
CA SER A 589 56.27 -22.74 103.84
C SER A 589 57.35 -23.02 104.88
N ASP A 590 56.97 -23.79 105.90
CA ASP A 590 57.88 -24.20 106.96
C ASP A 590 58.44 -23.02 107.73
N THR A 591 57.68 -21.92 107.73
CA THR A 591 58.06 -20.73 108.48
C THR A 591 56.92 -20.30 109.38
N ARG A 592 57.26 -19.80 110.56
CA ARG A 592 56.28 -19.33 111.51
C ARG A 592 56.66 -17.89 111.81
N ILE A 593 55.66 -17.05 112.03
CA ILE A 593 55.90 -15.63 112.26
C ILE A 593 55.30 -15.24 113.60
N ILE A 594 56.15 -14.84 114.55
CA ILE A 594 55.69 -14.43 115.87
C ILE A 594 55.77 -12.92 116.04
N LEU A 595 54.65 -12.36 116.50
CA LEU A 595 54.52 -10.93 116.64
C LEU A 595 54.94 -10.61 118.06
N GLN A 596 55.83 -9.64 118.23
CA GLN A 596 56.26 -9.19 119.56
C GLN A 596 55.30 -8.17 120.16
N ASN A 597 55.02 -8.30 121.46
CA ASN A 597 54.05 -7.45 122.15
C ASN A 597 54.44 -5.99 122.29
N SER A 598 55.74 -5.71 122.36
CA SER A 598 56.21 -4.37 122.68
C SER A 598 56.90 -3.70 121.49
N MET A 599 56.53 -2.45 121.23
CA MET A 599 57.24 -1.64 120.23
C MET A 599 58.22 -0.67 120.92
N ARG A 600 58.39 -0.83 122.23
CA ARG A 600 59.36 -0.01 122.96
C ARG A 600 60.81 -0.47 122.75
N VAL A 601 61.71 0.50 122.71
CA VAL A 601 63.14 0.20 122.58
C VAL A 601 63.73 -0.07 123.95
N SER A 602 64.35 -1.25 124.09
CA SER A 602 64.98 -1.64 125.35
C SER A 602 66.03 -0.62 125.83
N GLY A 603 65.84 -0.10 127.03
CA GLY A 603 66.82 0.82 127.60
C GLY A 603 66.61 2.28 127.23
N SER A 604 65.54 2.56 126.46
CA SER A 604 65.17 3.94 126.15
C SER A 604 63.75 4.22 126.61
N THR A 605 63.41 5.51 126.75
CA THR A 605 62.07 5.94 127.17
C THR A 605 61.57 7.00 126.21
N THR A 606 62.46 7.40 125.30
CA THR A 606 62.17 8.47 124.36
C THR A 606 62.20 7.97 122.91
N ARG A 607 62.58 6.70 122.75
CA ARG A 607 62.79 6.12 121.44
C ARG A 607 61.99 4.81 121.28
N CYS A 608 61.24 4.70 120.19
CA CYS A 608 60.36 3.56 119.96
C CYS A 608 60.46 2.99 118.56
N TYR A 609 59.99 1.76 118.38
CA TYR A 609 59.84 1.23 117.03
C TYR A 609 58.57 1.80 116.43
N SER A 610 58.63 2.19 115.15
CA SER A 610 57.46 2.81 114.50
C SER A 610 56.45 1.77 114.02
N ARG A 611 56.88 0.51 113.96
CA ARG A 611 56.04 -0.60 113.52
C ARG A 611 56.43 -1.84 114.32
N PRO A 612 55.52 -2.83 114.40
CA PRO A 612 55.73 -4.00 115.28
C PRO A 612 56.98 -4.82 115.01
N LEU A 613 57.55 -5.41 116.06
CA LEU A 613 58.67 -6.33 115.92
C LEU A 613 58.13 -7.71 115.59
N ILE A 614 58.86 -8.44 114.76
CA ILE A 614 58.47 -9.79 114.45
C ILE A 614 59.71 -10.67 114.50
N SER A 615 59.52 -11.93 114.83
CA SER A 615 60.57 -12.91 114.66
C SER A 615 60.13 -13.93 113.63
N ILE A 616 61.02 -14.24 112.71
CA ILE A 616 60.72 -15.20 111.67
C ILE A 616 61.43 -16.51 111.98
N VAL A 617 60.64 -17.51 112.35
CA VAL A 617 61.14 -18.80 112.80
C VAL A 617 61.07 -19.84 111.70
N SER A 618 62.22 -20.36 111.29
CA SER A 618 62.24 -21.53 110.41
C SER A 618 61.78 -22.72 111.25
N LEU A 619 60.74 -23.41 110.79
CA LEU A 619 60.20 -24.53 111.55
C LEU A 619 61.12 -25.76 111.49
N ASN A 620 62.09 -25.73 110.59
CA ASN A 620 63.08 -26.80 110.48
C ASN A 620 64.41 -26.51 111.21
N GLY A 621 64.49 -25.36 111.87
CA GLY A 621 65.63 -25.05 112.72
C GLY A 621 66.83 -24.39 112.06
N SER A 622 66.62 -23.82 110.88
CA SER A 622 67.69 -23.08 110.19
C SER A 622 68.08 -21.80 110.93
N GLY A 623 67.17 -21.28 111.73
CA GLY A 623 67.45 -20.07 112.49
C GLY A 623 66.25 -19.16 112.67
N THR A 624 66.48 -18.06 113.38
CA THR A 624 65.46 -17.07 113.62
C THR A 624 65.97 -15.71 113.16
N VAL A 625 65.13 -14.96 112.46
CA VAL A 625 65.46 -13.57 112.14
C VAL A 625 64.62 -12.62 112.99
N GLU A 626 65.29 -11.58 113.51
CA GLU A 626 64.61 -10.50 114.23
C GLU A 626 64.38 -9.33 113.28
N GLY A 627 63.17 -9.20 112.75
CA GLY A 627 62.85 -8.10 111.87
C GLY A 627 61.67 -7.25 112.33
N GLN A 628 61.04 -6.52 111.41
CA GLN A 628 59.76 -5.89 111.73
C GLN A 628 58.68 -5.97 110.65
N LEU A 629 57.44 -5.73 111.05
CA LEU A 629 56.29 -5.81 110.15
C LEU A 629 56.23 -4.55 109.28
N GLY A 630 56.55 -4.71 107.99
CA GLY A 630 56.42 -3.62 107.05
C GLY A 630 54.99 -3.46 106.57
N THR A 631 54.80 -2.71 105.49
CA THR A 631 53.45 -2.50 104.95
C THR A 631 53.04 -3.61 103.98
N ASP A 632 51.74 -3.75 103.81
CA ASP A 632 51.17 -4.75 102.90
C ASP A 632 51.81 -6.15 103.07
N ASN A 633 51.90 -6.59 104.32
CA ASN A 633 52.44 -7.91 104.63
C ASN A 633 53.88 -8.15 104.18
N GLU A 634 54.63 -7.07 103.98
CA GLU A 634 56.06 -7.23 103.78
C GLU A 634 56.71 -7.46 105.15
N LEU A 635 57.68 -8.37 105.21
CA LEU A 635 58.46 -8.59 106.42
C LEU A 635 59.86 -8.04 106.19
N ILE A 636 60.32 -7.19 107.10
CA ILE A 636 61.62 -6.52 106.93
C ILE A 636 62.70 -7.22 107.75
N MET A 637 63.84 -7.50 107.13
CA MET A 637 64.89 -8.30 107.76
C MET A 637 65.77 -7.54 108.76
N SER A 638 65.30 -6.37 109.19
CA SER A 638 66.01 -5.58 110.18
C SER A 638 65.02 -4.91 111.14
N ARG A 639 65.54 -4.05 112.00
CA ARG A 639 64.71 -3.28 112.92
C ARG A 639 65.15 -1.83 112.97
N ASP A 640 65.17 -1.17 111.81
CA ASP A 640 65.63 0.22 111.72
C ASP A 640 64.52 1.21 111.40
N LEU A 641 63.28 0.80 111.64
CA LEU A 641 62.15 1.73 111.55
C LEU A 641 61.84 2.24 112.96
N LEU A 642 62.34 3.44 113.25
CA LEU A 642 62.26 3.98 114.59
C LEU A 642 61.70 5.40 114.60
N GLU A 643 61.04 5.76 115.69
CA GLU A 643 60.45 7.09 115.80
C GLU A 643 60.54 7.55 117.26
N PRO A 644 60.46 8.88 117.48
CA PRO A 644 60.27 9.40 118.84
C PRO A 644 58.94 8.89 119.40
N CYS A 645 58.93 8.41 120.63
CA CYS A 645 57.69 7.92 121.26
C CYS A 645 56.68 9.04 121.43
N VAL A 646 55.52 8.92 120.78
CA VAL A 646 54.48 9.93 120.91
C VAL A 646 53.53 9.61 122.07
N ALA A 647 52.78 10.62 122.52
CA ALA A 647 51.69 10.37 123.47
C ALA A 647 50.46 9.88 122.70
N ASN A 648 49.58 9.16 123.38
CA ASN A 648 48.32 8.74 122.79
C ASN A 648 48.51 7.89 121.53
N HIS A 649 49.55 7.05 121.57
CA HIS A 649 49.90 6.14 120.48
C HIS A 649 48.82 5.08 120.24
N LYS A 650 48.26 5.11 119.04
CA LYS A 650 47.25 4.16 118.61
C LYS A 650 47.52 3.83 117.15
N ARG A 651 47.78 2.56 116.87
CA ARG A 651 48.04 2.13 115.49
C ARG A 651 47.34 0.82 115.17
N TYR A 652 46.89 0.68 113.93
CA TYR A 652 46.41 -0.60 113.43
C TYR A 652 47.35 -1.03 112.32
N PHE A 653 47.97 -2.19 112.47
CA PHE A 653 48.86 -2.67 111.43
C PHE A 653 48.29 -3.93 110.78
N LEU A 654 48.36 -3.97 109.46
CA LEU A 654 47.90 -5.16 108.74
C LEU A 654 48.87 -6.31 108.99
N PHE A 655 48.32 -7.45 109.39
CA PHE A 655 49.11 -8.64 109.69
C PHE A 655 48.37 -9.88 109.16
N GLY A 656 48.74 -10.33 107.97
CA GLY A 656 48.01 -11.39 107.30
C GLY A 656 46.62 -10.92 106.88
N HIS A 657 45.59 -11.52 107.47
CA HIS A 657 44.21 -11.14 107.18
C HIS A 657 43.54 -10.45 108.38
N HIS A 658 44.37 -10.07 109.35
CA HIS A 658 43.91 -9.32 110.51
C HIS A 658 44.60 -7.96 110.55
N TYR A 659 43.94 -6.99 111.19
CA TYR A 659 44.67 -5.83 111.66
C TYR A 659 45.04 -6.10 113.08
N VAL A 660 46.24 -5.67 113.45
CA VAL A 660 46.74 -5.89 114.78
C VAL A 660 46.86 -4.52 115.50
N TYR A 661 46.12 -4.38 116.59
CA TYR A 661 45.94 -3.08 117.25
C TYR A 661 46.88 -2.86 118.43
N TYR A 662 47.68 -1.80 118.38
CA TYR A 662 48.56 -1.42 119.49
C TYR A 662 48.11 -0.11 120.12
N GLU A 663 48.34 0.00 121.43
CA GLU A 663 48.17 1.26 122.15
C GLU A 663 49.40 1.44 123.02
N ASP A 664 49.90 2.66 123.14
CA ASP A 664 51.10 2.92 123.95
C ASP A 664 52.19 1.92 123.69
N TYR A 665 52.45 1.67 122.42
CA TYR A 665 53.53 0.79 122.01
C TYR A 665 53.42 -0.64 122.56
N ARG A 666 52.19 -1.06 122.87
CA ARG A 666 51.90 -2.43 123.32
C ARG A 666 50.68 -3.08 122.61
N TYR A 667 50.84 -4.36 122.27
CA TYR A 667 49.77 -5.14 121.64
C TYR A 667 48.52 -5.19 122.50
N VAL A 668 47.36 -5.05 121.87
CA VAL A 668 46.10 -5.07 122.60
C VAL A 668 45.14 -6.16 122.08
N ARG A 669 44.93 -6.22 120.77
CA ARG A 669 44.00 -7.21 120.21
C ARG A 669 44.13 -7.41 118.71
N GLU A 670 43.58 -8.53 118.26
CA GLU A 670 43.54 -8.87 116.84
C GLU A 670 42.15 -8.53 116.32
N ILE A 671 42.10 -7.87 115.16
CA ILE A 671 40.84 -7.46 114.57
C ILE A 671 40.81 -7.98 113.13
N ALA A 672 39.68 -8.57 112.73
CA ALA A 672 39.51 -9.10 111.38
C ALA A 672 39.42 -7.95 110.36
N VAL A 673 40.18 -8.07 109.28
CA VAL A 673 40.15 -7.04 108.23
C VAL A 673 38.72 -6.66 107.83
N HIS A 674 37.87 -7.67 107.71
CA HIS A 674 36.47 -7.44 107.32
C HIS A 674 35.65 -6.69 108.36
N ASP A 675 36.21 -6.48 109.55
CA ASP A 675 35.54 -5.72 110.60
C ASP A 675 35.80 -4.22 110.45
N VAL A 676 36.70 -3.86 109.55
CA VAL A 676 37.00 -2.45 109.34
C VAL A 676 36.30 -1.95 108.09
N GLY A 677 35.47 -0.93 108.26
CA GLY A 677 34.71 -0.35 107.17
C GLY A 677 35.60 0.08 106.03
N MET A 678 35.07 0.01 104.81
CA MET A 678 35.78 0.42 103.62
C MET A 678 35.24 1.75 103.12
N ILE A 679 36.12 2.53 102.51
CA ILE A 679 35.72 3.63 101.65
C ILE A 679 36.37 3.33 100.31
N SER A 680 35.76 3.80 99.23
CA SER A 680 36.17 3.31 97.93
C SER A 680 36.66 4.43 97.03
N THR A 681 37.78 4.17 96.36
CA THR A 681 38.29 5.11 95.36
C THR A 681 37.77 4.75 93.95
N TYR A 682 37.07 3.62 93.87
CA TYR A 682 36.58 3.09 92.59
C TYR A 682 35.31 3.84 92.17
N VAL A 683 35.38 4.53 91.04
CA VAL A 683 34.16 5.12 90.49
C VAL A 683 33.39 4.07 89.67
N ASP A 684 32.14 3.82 90.05
CA ASP A 684 31.34 2.77 89.38
C ASP A 684 31.00 3.11 87.93
N LEU A 685 31.05 2.10 87.07
CA LEU A 685 30.55 2.23 85.71
C LEU A 685 29.93 0.90 85.30
N ASN A 686 28.61 0.90 85.13
CA ASN A 686 27.89 -0.33 84.86
C ASN A 686 27.39 -0.38 83.43
N LEU A 687 28.16 -1.01 82.54
CA LEU A 687 27.74 -1.14 81.15
C LEU A 687 27.18 -2.54 80.90
N THR A 688 26.02 -2.60 80.25
CA THR A 688 25.42 -3.87 79.87
C THR A 688 25.37 -3.99 78.34
N LEU A 689 25.11 -5.19 77.86
CA LEU A 689 25.19 -5.48 76.42
C LEU A 689 23.84 -5.45 75.70
N LEU A 690 23.85 -5.10 74.42
CA LEU A 690 22.66 -5.33 73.58
C LEU A 690 22.37 -6.83 73.54
N LYS A 691 21.13 -7.21 73.80
CA LYS A 691 20.79 -8.63 73.78
C LYS A 691 20.45 -9.18 72.40
N ASP A 692 20.61 -10.49 72.25
CA ASP A 692 20.18 -11.20 71.05
C ASP A 692 18.73 -10.93 70.74
N ARG A 693 18.42 -10.85 69.44
CA ARG A 693 17.07 -10.55 68.97
C ARG A 693 16.78 -11.32 67.67
N GLU A 694 15.64 -12.00 67.59
CA GLU A 694 15.28 -12.66 66.33
C GLU A 694 14.12 -11.96 65.61
N PHE A 695 14.37 -11.49 64.40
CA PHE A 695 13.31 -10.86 63.61
C PHE A 695 12.61 -11.90 62.74
N MET A 696 11.29 -11.85 62.73
CA MET A 696 10.48 -12.82 62.03
C MET A 696 10.03 -12.25 60.70
N PRO A 697 9.81 -13.12 59.71
CA PRO A 697 9.35 -12.69 58.39
C PRO A 697 7.89 -12.25 58.44
N LEU A 698 7.61 -11.18 59.18
CA LEU A 698 6.26 -10.66 59.32
C LEU A 698 5.70 -10.15 57.99
N GLN A 699 4.50 -10.58 57.66
CA GLN A 699 3.81 -10.06 56.48
C GLN A 699 2.48 -9.44 56.86
N VAL A 700 2.07 -8.39 56.14
CA VAL A 700 0.72 -7.88 56.30
C VAL A 700 -0.24 -8.78 55.50
N TYR A 701 0.02 -8.89 54.19
CA TYR A 701 -0.76 -9.76 53.31
C TYR A 701 0.14 -10.78 52.61
N THR A 702 -0.21 -12.06 52.70
CA THR A 702 0.51 -13.10 51.93
C THR A 702 0.24 -12.97 50.44
N ARG A 703 0.95 -13.74 49.63
CA ARG A 703 0.77 -13.71 48.18
C ARG A 703 -0.64 -14.20 47.82
N ASP A 704 -1.12 -15.17 48.59
CA ASP A 704 -2.47 -15.70 48.40
C ASP A 704 -3.50 -14.58 48.58
N GLU A 705 -3.41 -13.89 49.72
CA GLU A 705 -4.30 -12.76 49.98
C GLU A 705 -4.27 -11.73 48.87
N LEU A 706 -3.08 -11.37 48.40
CA LEU A 706 -2.97 -10.29 47.42
C LEU A 706 -3.55 -10.69 46.06
N ARG A 707 -3.73 -11.99 45.84
CA ARG A 707 -4.36 -12.47 44.60
C ARG A 707 -5.82 -12.85 44.83
N ASP A 708 -6.37 -12.51 45.98
CA ASP A 708 -7.73 -12.92 46.34
C ASP A 708 -8.67 -11.72 46.50
N THR A 709 -8.29 -10.59 45.88
CA THR A 709 -9.06 -9.36 45.99
C THR A 709 -10.06 -9.10 44.85
N GLY A 710 -9.98 -9.88 43.77
CA GLY A 710 -10.81 -9.62 42.59
C GLY A 710 -12.12 -10.41 42.55
N LEU A 711 -13.08 -9.90 41.78
CA LEU A 711 -14.39 -10.58 41.66
C LEU A 711 -14.30 -11.98 41.07
N LEU A 712 -13.65 -12.10 39.90
CA LEU A 712 -13.42 -13.40 39.26
C LEU A 712 -11.97 -13.54 38.86
N ASP A 713 -11.49 -14.78 38.82
CA ASP A 713 -10.17 -15.07 38.27
C ASP A 713 -10.34 -15.79 36.91
N TYR A 714 -9.76 -15.21 35.86
CA TYR A 714 -9.86 -15.75 34.51
C TYR A 714 -9.43 -17.24 34.38
N SER A 715 -8.25 -17.58 34.87
CA SER A 715 -7.77 -18.96 34.74
C SER A 715 -8.70 -19.95 35.43
N GLU A 716 -9.18 -19.56 36.60
CA GLU A 716 -10.09 -20.44 37.37
C GLU A 716 -11.41 -20.68 36.63
N ILE A 717 -11.95 -19.62 36.05
CA ILE A 717 -13.20 -19.69 35.30
C ILE A 717 -13.01 -20.61 34.09
N GLN A 718 -11.87 -20.45 33.41
CA GLN A 718 -11.59 -21.25 32.20
C GLN A 718 -11.40 -22.75 32.51
N ARG A 719 -10.59 -23.04 33.53
CA ARG A 719 -10.34 -24.41 33.98
C ARG A 719 -11.65 -25.09 34.23
N ARG A 720 -12.54 -24.38 34.92
CA ARG A 720 -13.80 -24.99 35.35
C ARG A 720 -14.78 -25.10 34.22
N ASN A 721 -14.76 -24.13 33.30
CA ASN A 721 -15.85 -24.10 32.33
C ASN A 721 -15.58 -24.73 30.97
N GLN A 722 -14.30 -24.88 30.62
CA GLN A 722 -13.97 -25.61 29.39
C GLN A 722 -14.13 -27.13 29.57
N MET A 723 -14.32 -27.57 30.82
CA MET A 723 -14.71 -28.96 31.13
C MET A 723 -16.14 -29.30 30.69
N HIS A 724 -16.93 -28.26 30.40
CA HIS A 724 -18.38 -28.38 30.28
C HIS A 724 -18.84 -29.52 29.37
N SER A 725 -18.27 -29.59 28.16
CA SER A 725 -18.50 -30.73 27.25
C SER A 725 -18.21 -32.09 27.91
N LEU A 726 -17.09 -32.16 28.63
CA LEU A 726 -16.68 -33.42 29.27
C LEU A 726 -17.54 -33.80 30.46
N ARG A 727 -17.98 -32.82 31.25
CA ARG A 727 -18.75 -33.07 32.47
C ARG A 727 -20.21 -33.48 32.24
N PHE A 728 -20.82 -32.99 31.17
CA PHE A 728 -22.26 -33.15 31.06
C PHE A 728 -22.69 -33.85 29.78
N TYR A 729 -21.72 -34.24 28.93
CA TYR A 729 -22.00 -34.99 27.69
C TYR A 729 -20.97 -36.10 27.53
N ASP A 730 -21.21 -36.99 26.60
CA ASP A 730 -20.19 -37.99 26.22
C ASP A 730 -19.65 -37.60 24.85
N ILE A 731 -18.44 -37.04 24.84
CA ILE A 731 -17.84 -36.54 23.57
C ILE A 731 -17.30 -37.65 22.67
N ASP A 732 -17.25 -38.87 23.20
CA ASP A 732 -16.59 -39.97 22.51
C ASP A 732 -17.58 -40.88 21.78
N LYS A 733 -18.85 -40.76 22.14
CA LYS A 733 -19.91 -41.57 21.57
C LYS A 733 -20.24 -41.15 20.16
N VAL A 734 -20.24 -42.13 19.25
CA VAL A 734 -20.57 -41.91 17.85
C VAL A 734 -21.79 -42.72 17.41
N VAL A 735 -22.85 -42.02 17.02
CA VAL A 735 -24.06 -42.64 16.49
C VAL A 735 -23.86 -43.04 15.02
N GLN A 736 -24.15 -44.31 14.72
CA GLN A 736 -24.03 -44.83 13.35
C GLN A 736 -25.33 -44.68 12.57
N LYS B 116 -31.24 7.45 -113.37
CA LYS B 116 -30.81 6.14 -113.86
C LYS B 116 -31.82 5.04 -113.58
N PRO B 117 -32.91 4.99 -114.36
CA PRO B 117 -33.92 3.95 -114.17
C PRO B 117 -33.40 2.57 -114.57
N THR B 118 -33.54 1.59 -113.68
CA THR B 118 -33.12 0.23 -113.99
C THR B 118 -34.29 -0.77 -114.12
N PHE B 119 -34.34 -1.46 -115.27
CA PHE B 119 -35.39 -2.43 -115.54
C PHE B 119 -34.89 -3.87 -115.53
N TYR B 120 -35.80 -4.83 -115.37
CA TYR B 120 -35.43 -6.23 -115.29
C TYR B 120 -36.23 -7.09 -116.24
N VAL B 121 -35.62 -8.17 -116.69
CA VAL B 121 -36.34 -9.18 -117.46
C VAL B 121 -36.22 -10.50 -116.74
N CYS B 122 -37.36 -11.15 -116.55
CA CYS B 122 -37.42 -12.41 -115.83
C CYS B 122 -37.86 -13.58 -116.72
N PRO B 123 -36.87 -14.32 -117.25
CA PRO B 123 -37.20 -15.61 -117.90
C PRO B 123 -37.82 -16.56 -116.87
N PRO B 124 -38.70 -17.46 -117.33
CA PRO B 124 -39.38 -18.35 -116.38
C PRO B 124 -38.45 -19.43 -115.82
N PRO B 125 -38.62 -19.80 -114.55
CA PRO B 125 -37.74 -20.79 -113.94
C PRO B 125 -37.96 -22.21 -114.47
N THR B 126 -36.89 -22.81 -115.00
CA THR B 126 -36.80 -24.23 -115.24
C THR B 126 -36.46 -24.88 -113.89
N GLY B 127 -36.35 -26.20 -113.84
CA GLY B 127 -36.04 -26.85 -112.57
C GLY B 127 -34.58 -26.89 -112.20
N SER B 128 -33.79 -25.99 -112.77
CA SER B 128 -32.34 -25.99 -112.62
C SER B 128 -31.86 -25.54 -111.23
N THR B 129 -32.59 -24.60 -110.62
CA THR B 129 -32.29 -24.18 -109.26
C THR B 129 -33.52 -24.34 -108.36
N ILE B 130 -33.51 -25.36 -107.52
CA ILE B 130 -34.58 -25.52 -106.56
C ILE B 130 -34.08 -25.38 -105.12
N VAL B 131 -34.87 -24.70 -104.31
CA VAL B 131 -34.49 -24.45 -102.92
C VAL B 131 -35.67 -24.72 -101.99
N ARG B 132 -35.38 -24.84 -100.70
CA ARG B 132 -36.40 -25.03 -99.69
C ARG B 132 -36.13 -24.04 -98.58
N LEU B 133 -37.14 -23.75 -97.75
CA LEU B 133 -36.96 -22.89 -96.59
C LEU B 133 -36.26 -23.64 -95.50
N GLU B 134 -35.21 -23.03 -94.93
CA GLU B 134 -34.55 -23.57 -93.75
C GLU B 134 -35.57 -23.83 -92.64
N PRO B 135 -35.53 -25.04 -92.04
CA PRO B 135 -36.37 -25.39 -90.88
C PRO B 135 -36.09 -24.47 -89.69
N PRO B 136 -37.01 -24.40 -88.72
CA PRO B 136 -36.85 -23.60 -87.49
C PRO B 136 -35.54 -23.91 -86.77
N ARG B 137 -34.85 -22.91 -86.19
CA ARG B 137 -33.60 -23.16 -85.45
C ARG B 137 -33.79 -23.45 -83.97
N THR B 138 -32.91 -24.30 -83.45
CA THR B 138 -32.86 -24.56 -82.03
C THR B 138 -32.49 -23.26 -81.33
N CYS B 139 -33.20 -22.95 -80.24
CA CYS B 139 -32.98 -21.67 -79.57
C CYS B 139 -31.89 -21.75 -78.52
N PRO B 140 -31.01 -20.73 -78.51
CA PRO B 140 -29.78 -20.75 -77.71
C PRO B 140 -30.10 -21.03 -76.26
N ASP B 141 -29.25 -21.80 -75.60
CA ASP B 141 -29.38 -21.96 -74.16
C ASP B 141 -28.21 -21.33 -73.42
N TYR B 142 -28.52 -20.26 -72.69
CA TYR B 142 -27.58 -19.67 -71.77
C TYR B 142 -27.83 -20.31 -70.41
N HIS B 143 -26.78 -20.89 -69.84
CA HIS B 143 -26.91 -21.63 -68.60
C HIS B 143 -26.69 -20.73 -67.38
N LEU B 144 -27.46 -19.63 -67.33
CA LEU B 144 -27.38 -18.68 -66.22
C LEU B 144 -28.11 -19.26 -65.01
N GLY B 145 -28.12 -18.52 -63.90
CA GLY B 145 -28.74 -19.00 -62.68
C GLY B 145 -27.75 -19.84 -61.89
N LYS B 146 -27.50 -19.46 -60.64
CA LYS B 146 -26.52 -20.14 -59.81
C LYS B 146 -27.08 -20.60 -58.47
N ASN B 147 -26.49 -21.67 -57.92
CA ASN B 147 -26.85 -22.11 -56.58
C ASN B 147 -26.17 -21.24 -55.53
N PHE B 148 -26.95 -20.75 -54.57
CA PHE B 148 -26.41 -19.85 -53.55
C PHE B 148 -26.85 -20.22 -52.12
N THR B 149 -26.22 -19.59 -51.14
CA THR B 149 -26.61 -19.78 -49.75
C THR B 149 -26.58 -18.46 -48.98
N GLU B 150 -27.77 -18.03 -48.54
CA GLU B 150 -27.91 -16.85 -47.69
C GLU B 150 -27.18 -17.09 -46.37
N GLY B 151 -26.85 -16.01 -45.68
CA GLY B 151 -26.10 -16.13 -44.44
C GLY B 151 -25.76 -14.83 -43.74
N ILE B 152 -25.18 -14.98 -42.57
CA ILE B 152 -24.72 -13.86 -41.75
C ILE B 152 -23.21 -13.89 -41.70
N ALA B 153 -22.59 -12.73 -41.84
CA ALA B 153 -21.13 -12.65 -41.77
C ALA B 153 -20.59 -11.56 -40.84
N VAL B 154 -19.38 -11.80 -40.33
CA VAL B 154 -18.63 -10.74 -39.66
C VAL B 154 -17.25 -10.71 -40.30
N VAL B 155 -16.81 -9.52 -40.72
CA VAL B 155 -15.53 -9.39 -41.41
C VAL B 155 -14.45 -8.80 -40.47
N TYR B 156 -13.29 -9.48 -40.41
CA TYR B 156 -12.18 -9.05 -39.55
C TYR B 156 -10.97 -8.60 -40.38
N LYS B 157 -10.27 -7.60 -39.88
CA LYS B 157 -9.08 -7.04 -40.52
C LYS B 157 -7.90 -7.16 -39.56
N GLU B 158 -6.69 -7.14 -40.10
CA GLU B 158 -5.48 -7.08 -39.27
C GLU B 158 -5.55 -5.89 -38.32
N ASN B 159 -5.28 -6.15 -37.04
CA ASN B 159 -5.17 -5.05 -36.08
C ASN B 159 -3.82 -4.37 -36.19
N ILE B 160 -3.81 -3.08 -36.51
CA ILE B 160 -2.56 -2.34 -36.60
C ILE B 160 -2.41 -1.33 -35.46
N ALA B 161 -3.42 -1.23 -34.61
CA ALA B 161 -3.39 -0.25 -33.52
C ALA B 161 -2.50 -0.71 -32.36
N ALA B 162 -1.76 0.22 -31.77
CA ALA B 162 -1.02 -0.10 -30.55
C ALA B 162 -2.00 -0.44 -29.43
N TYR B 163 -1.60 -1.38 -28.59
CA TYR B 163 -2.31 -1.59 -27.34
C TYR B 163 -2.01 -0.41 -26.41
N LYS B 164 -3.06 0.13 -25.80
CA LYS B 164 -2.97 1.29 -24.94
C LYS B 164 -3.41 0.93 -23.54
N PHE B 165 -2.72 1.45 -22.52
CA PHE B 165 -3.15 1.28 -21.12
C PHE B 165 -2.68 2.44 -20.27
N LYS B 166 -3.12 2.44 -19.01
CA LYS B 166 -2.76 3.51 -18.08
C LYS B 166 -1.64 3.03 -17.20
N ALA B 167 -0.74 3.94 -16.86
CA ALA B 167 0.31 3.64 -15.89
C ALA B 167 0.64 4.90 -15.10
N THR B 168 1.51 4.74 -14.12
CA THR B 168 1.97 5.83 -13.27
C THR B 168 3.49 5.76 -13.15
N VAL B 169 4.15 6.92 -13.20
CA VAL B 169 5.59 6.96 -12.91
C VAL B 169 5.89 7.63 -11.58
N TYR B 170 6.95 7.17 -10.93
CA TYR B 170 7.39 7.69 -9.64
C TYR B 170 8.89 7.98 -9.68
N TYR B 171 9.26 9.24 -9.62
CA TYR B 171 10.67 9.60 -9.62
C TYR B 171 10.94 10.87 -8.82
N LYS B 172 12.22 11.21 -8.69
CA LYS B 172 12.60 12.49 -8.11
C LYS B 172 13.61 13.17 -9.01
N ASP B 173 13.39 14.47 -9.23
CA ASP B 173 14.36 15.32 -9.89
C ASP B 173 15.42 15.67 -8.86
N VAL B 174 16.64 15.19 -9.04
CA VAL B 174 17.75 15.63 -8.19
C VAL B 174 18.57 16.63 -8.99
N ILE B 175 18.75 17.84 -8.45
CA ILE B 175 19.48 18.86 -9.17
C ILE B 175 20.52 19.49 -8.25
N VAL B 176 21.78 19.38 -8.67
CA VAL B 176 22.87 19.89 -7.87
C VAL B 176 23.49 21.08 -8.59
N SER B 177 23.48 22.24 -7.94
CA SER B 177 23.94 23.48 -8.58
C SER B 177 25.10 24.07 -7.82
N THR B 178 26.09 24.52 -8.57
CA THR B 178 27.22 25.22 -7.97
C THR B 178 27.24 26.65 -8.46
N ALA B 179 27.36 27.59 -7.53
CA ALA B 179 27.29 29.00 -7.87
C ALA B 179 28.52 29.73 -7.34
N GLY B 180 29.11 30.56 -8.21
CA GLY B 180 30.20 31.43 -7.83
C GLY B 180 29.69 32.87 -7.72
N ALA B 181 29.97 33.48 -6.57
CA ALA B 181 29.70 34.91 -6.43
C ALA B 181 30.91 35.72 -6.89
N GLY B 182 30.63 36.83 -7.57
CA GLY B 182 31.67 37.76 -7.97
C GLY B 182 31.29 39.15 -7.48
N SER B 183 31.97 40.16 -8.00
CA SER B 183 31.66 41.54 -7.65
C SER B 183 30.31 41.92 -8.24
N SER B 184 30.18 41.73 -9.54
CA SER B 184 28.97 42.06 -10.28
C SER B 184 27.76 41.27 -9.79
N GLY B 185 27.90 39.95 -9.76
CA GLY B 185 26.81 39.11 -9.27
C GLY B 185 27.17 37.63 -9.20
N THR B 186 26.19 36.79 -9.51
CA THR B 186 26.31 35.35 -9.34
C THR B 186 26.37 34.62 -10.69
N GLN B 187 27.32 33.71 -10.81
CA GLN B 187 27.43 32.86 -11.98
C GLN B 187 27.17 31.41 -11.60
N ILE B 188 26.29 30.74 -12.37
CA ILE B 188 26.13 29.29 -12.23
C ILE B 188 27.26 28.56 -12.95
N THR B 189 28.02 27.80 -12.18
CA THR B 189 29.23 27.14 -12.66
C THR B 189 28.95 25.70 -13.10
N ASN B 190 27.93 25.11 -12.50
CA ASN B 190 27.50 23.77 -12.84
C ASN B 190 26.06 23.52 -12.40
N ARG B 191 25.29 22.82 -13.23
CA ARG B 191 23.95 22.37 -12.85
C ARG B 191 23.80 20.91 -13.29
N TYR B 192 23.97 19.99 -12.35
CA TYR B 192 23.85 18.55 -12.60
C TYR B 192 22.43 18.05 -12.29
N ALA B 193 21.73 17.61 -13.34
CA ALA B 193 20.33 17.21 -13.24
C ALA B 193 20.17 15.72 -13.48
N ASP B 194 19.37 15.08 -12.66
CA ASP B 194 19.22 13.64 -12.76
C ASP B 194 17.83 13.22 -12.27
N ARG B 195 17.23 12.25 -12.97
CA ARG B 195 16.00 11.62 -12.50
C ARG B 195 16.34 10.29 -11.82
N VAL B 196 15.82 10.08 -10.62
CA VAL B 196 16.03 8.82 -9.90
C VAL B 196 14.70 8.16 -9.50
N PRO B 197 14.67 6.82 -9.48
CA PRO B 197 13.44 6.07 -9.13
C PRO B 197 13.05 6.23 -7.67
N ILE B 198 11.75 6.21 -7.38
CA ILE B 198 11.30 6.12 -6.00
C ILE B 198 11.19 4.63 -5.68
N PRO B 199 11.90 4.19 -4.63
CA PRO B 199 11.83 2.76 -4.24
C PRO B 199 10.40 2.33 -3.96
N VAL B 200 10.12 1.05 -4.18
CA VAL B 200 8.75 0.55 -3.99
C VAL B 200 8.29 0.70 -2.54
N SER B 201 9.24 0.54 -1.61
CA SER B 201 8.94 0.67 -0.18
C SER B 201 8.40 2.07 0.16
N GLU B 202 8.93 3.12 -0.46
CA GLU B 202 8.39 4.47 -0.24
C GLU B 202 6.99 4.62 -0.85
N ILE B 203 6.76 3.98 -1.99
CA ILE B 203 5.44 4.05 -2.63
C ILE B 203 4.37 3.37 -1.76
N THR B 204 4.67 2.17 -1.28
CA THR B 204 3.70 1.39 -0.53
C THR B 204 3.51 1.93 0.89
N ASP B 205 4.60 2.36 1.53
CA ASP B 205 4.56 2.72 2.96
C ASP B 205 4.40 4.21 3.26
N THR B 206 4.42 5.06 2.23
CA THR B 206 4.40 6.51 2.44
C THR B 206 3.50 7.22 1.43
N ILE B 207 3.74 6.98 0.14
CA ILE B 207 2.92 7.59 -0.90
C ILE B 207 1.46 7.09 -0.88
N ASP B 208 1.27 5.78 -0.97
CA ASP B 208 -0.08 5.22 -1.04
C ASP B 208 -0.83 5.18 0.30
N LYS B 209 -0.10 5.35 1.40
CA LYS B 209 -0.73 5.37 2.73
C LYS B 209 -1.10 6.77 3.22
N PHE B 210 -0.26 7.75 2.89
CA PHE B 210 -0.35 9.08 3.48
C PHE B 210 -0.32 10.24 2.50
N GLY B 211 -0.07 9.96 1.22
CA GLY B 211 0.03 11.03 0.24
C GLY B 211 1.25 11.92 0.44
N LYS B 212 2.31 11.35 1.02
CA LYS B 212 3.55 12.09 1.21
C LYS B 212 4.74 11.42 0.53
N CYS B 213 5.82 12.17 0.39
CA CYS B 213 7.05 11.62 -0.16
C CYS B 213 8.27 12.28 0.49
N SER B 214 9.30 11.48 0.75
CA SER B 214 10.47 11.98 1.45
C SER B 214 11.26 12.98 0.61
N SER B 215 11.83 13.98 1.27
CA SER B 215 12.66 14.99 0.62
C SER B 215 14.07 14.44 0.38
N LYS B 216 14.33 13.24 0.91
CA LYS B 216 15.58 12.52 0.64
C LYS B 216 15.47 11.55 -0.56
N ALA B 217 16.42 11.64 -1.49
CA ALA B 217 16.55 10.63 -2.53
C ALA B 217 17.57 9.57 -2.11
N THR B 218 17.18 8.29 -2.24
CA THR B 218 18.09 7.17 -1.96
C THR B 218 18.14 6.32 -3.21
N TYR B 219 19.31 6.21 -3.84
CA TYR B 219 19.37 5.49 -5.13
C TYR B 219 20.74 4.93 -5.47
N VAL B 220 20.83 4.32 -6.65
CA VAL B 220 22.07 3.75 -7.15
C VAL B 220 22.47 4.44 -8.45
N ARG B 221 23.72 4.85 -8.51
CA ARG B 221 24.27 5.43 -9.73
C ARG B 221 25.77 5.13 -9.71
N ASN B 222 26.34 4.77 -10.85
CA ASN B 222 27.74 4.38 -10.91
C ASN B 222 28.05 3.20 -9.99
N ASN B 223 27.10 2.26 -9.89
CA ASN B 223 27.23 1.12 -8.99
C ASN B 223 27.50 1.50 -7.53
N HIS B 224 27.02 2.66 -7.10
CA HIS B 224 27.13 3.00 -5.68
C HIS B 224 25.79 3.36 -5.10
N LYS B 225 25.59 3.03 -3.82
CA LYS B 225 24.47 3.57 -3.08
C LYS B 225 24.78 5.05 -2.87
N VAL B 226 23.86 5.93 -3.28
CA VAL B 226 24.06 7.36 -3.05
C VAL B 226 22.78 8.00 -2.57
N GLU B 227 22.87 9.27 -2.19
CA GLU B 227 21.73 9.98 -1.65
C GLU B 227 21.83 11.47 -1.94
N ALA B 228 20.72 12.17 -1.79
CA ALA B 228 20.70 13.62 -1.92
C ALA B 228 19.57 14.09 -1.03
N PHE B 229 19.68 15.31 -0.52
CA PHE B 229 18.72 15.86 0.43
C PHE B 229 18.24 17.21 -0.09
N ASN B 230 16.92 17.38 -0.26
CA ASN B 230 16.39 18.70 -0.62
C ASN B 230 16.90 19.79 0.32
N GLU B 231 17.45 20.86 -0.26
CA GLU B 231 17.99 21.99 0.52
C GLU B 231 19.10 21.60 1.51
N ASP B 232 19.65 20.40 1.34
CA ASP B 232 20.75 19.92 2.18
C ASP B 232 20.38 19.91 3.68
N LYS B 233 19.09 19.72 3.94
CA LYS B 233 18.56 19.65 5.30
C LYS B 233 18.11 18.23 5.63
N ASN B 234 17.70 17.99 6.87
CA ASN B 234 17.26 16.66 7.27
C ASN B 234 15.99 16.26 6.54
N PRO B 235 15.83 14.96 6.30
CA PRO B 235 14.67 14.47 5.53
C PRO B 235 13.32 14.82 6.18
N GLN B 236 12.36 15.19 5.36
CA GLN B 236 10.97 15.34 5.79
C GLN B 236 10.04 14.70 4.74
N ASP B 237 8.98 14.05 5.22
CA ASP B 237 7.92 13.56 4.35
C ASP B 237 7.00 14.70 3.90
N MET B 238 7.25 15.21 2.70
CA MET B 238 6.51 16.36 2.18
C MET B 238 5.21 15.88 1.54
N PRO B 239 4.14 16.67 1.73
CA PRO B 239 2.87 16.33 1.07
C PRO B 239 2.97 16.43 -0.44
N LEU B 240 2.35 15.48 -1.13
CA LEU B 240 2.27 15.50 -2.58
C LEU B 240 1.16 16.46 -3.01
N ILE B 241 1.52 17.43 -3.84
CA ILE B 241 0.60 18.48 -4.23
C ILE B 241 0.37 18.48 -5.74
N ALA B 242 -0.88 18.62 -6.15
CA ALA B 242 -1.23 18.68 -7.56
C ALA B 242 -0.47 19.78 -8.33
N SER B 243 -0.02 19.46 -9.54
CA SER B 243 0.53 20.49 -10.42
C SER B 243 -0.61 21.43 -10.81
N LYS B 244 -0.31 22.70 -10.94
CA LYS B 244 -1.32 23.67 -11.32
C LYS B 244 -1.89 23.41 -12.73
N TYR B 245 -1.17 22.66 -13.56
CA TYR B 245 -1.69 22.32 -14.88
C TYR B 245 -2.52 21.05 -14.90
N ASN B 246 -2.80 20.50 -13.71
CA ASN B 246 -3.66 19.33 -13.66
C ASN B 246 -5.06 19.58 -14.25
N SER B 247 -5.51 18.61 -15.03
CA SER B 247 -6.80 18.68 -15.71
C SER B 247 -7.11 17.30 -16.24
N VAL B 248 -8.30 17.16 -16.82
CA VAL B 248 -8.68 15.92 -17.49
C VAL B 248 -7.72 15.70 -18.67
N GLY B 249 -6.85 14.70 -18.56
CA GLY B 249 -5.88 14.42 -19.59
C GLY B 249 -4.50 14.10 -19.06
N SER B 250 -3.99 14.96 -18.18
CA SER B 250 -2.69 14.73 -17.57
C SER B 250 -2.62 15.24 -16.14
N LYS B 251 -2.53 14.31 -15.21
CA LYS B 251 -2.48 14.63 -13.79
C LYS B 251 -1.13 14.25 -13.20
N ALA B 252 -0.61 15.09 -12.31
CA ALA B 252 0.68 14.85 -11.64
C ALA B 252 0.79 15.60 -10.31
N TRP B 253 1.66 15.11 -9.45
CA TRP B 253 1.82 15.67 -8.12
C TRP B 253 3.31 15.85 -7.83
N HIS B 254 3.64 16.81 -6.99
CA HIS B 254 5.04 17.02 -6.66
C HIS B 254 5.20 17.59 -5.25
N THR B 255 6.44 17.74 -4.78
CA THR B 255 6.67 18.15 -3.40
C THR B 255 7.23 19.55 -3.20
N THR B 256 7.99 20.05 -4.18
CA THR B 256 8.52 21.41 -4.07
C THR B 256 8.39 22.21 -5.34
N ASN B 257 8.47 23.54 -5.22
CA ASN B 257 8.35 24.46 -6.35
C ASN B 257 9.70 25.09 -6.68
N ASP B 258 10.68 24.79 -5.86
CA ASP B 258 11.97 25.47 -5.88
C ASP B 258 13.10 24.59 -6.37
N THR B 259 14.10 25.22 -6.95
CA THR B 259 15.36 24.57 -7.27
C THR B 259 16.41 25.20 -6.37
N TYR B 260 16.61 24.61 -5.20
CA TYR B 260 17.47 25.20 -4.17
C TYR B 260 18.90 25.47 -4.64
N MET B 261 19.31 26.73 -4.54
CA MET B 261 20.68 27.09 -4.86
C MET B 261 21.18 28.12 -3.85
N VAL B 262 22.45 28.00 -3.45
CA VAL B 262 23.05 28.98 -2.55
C VAL B 262 24.30 29.63 -3.19
N ALA B 263 24.35 30.96 -3.18
CA ALA B 263 25.43 31.69 -3.86
C ALA B 263 26.77 31.73 -3.10
N GLY B 264 26.75 32.15 -1.84
CA GLY B 264 27.98 32.29 -1.09
C GLY B 264 28.72 33.59 -1.34
N THR B 265 29.86 33.77 -0.67
CA THR B 265 30.60 35.04 -0.68
C THR B 265 31.56 35.17 -1.88
N PRO B 266 31.77 36.41 -2.36
CA PRO B 266 32.62 36.68 -3.54
C PRO B 266 33.99 36.01 -3.46
N GLY B 267 34.36 35.30 -4.53
CA GLY B 267 35.57 34.50 -4.56
C GLY B 267 35.32 33.03 -4.26
N THR B 268 34.20 32.73 -3.61
CA THR B 268 33.87 31.36 -3.20
C THR B 268 32.80 30.68 -4.04
N TYR B 269 32.83 29.34 -4.04
CA TYR B 269 31.79 28.52 -4.65
C TYR B 269 30.92 27.86 -3.58
N ARG B 270 29.62 27.81 -3.83
CA ARG B 270 28.71 27.05 -2.96
C ARG B 270 27.89 26.05 -3.78
N THR B 271 27.57 24.92 -3.16
CA THR B 271 26.84 23.88 -3.85
C THR B 271 25.57 23.61 -3.07
N GLY B 272 24.45 23.50 -3.77
CA GLY B 272 23.17 23.24 -3.12
C GLY B 272 22.38 22.19 -3.88
N THR B 273 21.62 21.39 -3.14
CA THR B 273 20.86 20.32 -3.74
C THR B 273 19.35 20.57 -3.71
N SER B 274 18.71 20.25 -4.82
CA SER B 274 17.25 20.25 -4.94
C SER B 274 16.77 18.82 -5.21
N VAL B 275 15.85 18.36 -4.36
CA VAL B 275 15.18 17.09 -4.58
C VAL B 275 13.69 17.38 -4.64
N ASN B 276 13.07 17.05 -5.77
CA ASN B 276 11.66 17.31 -6.00
C ASN B 276 10.97 16.01 -6.37
N CYS B 277 10.10 15.56 -5.50
CA CYS B 277 9.52 14.25 -5.62
C CYS B 277 8.31 14.34 -6.59
N ILE B 278 8.28 13.53 -7.64
CA ILE B 278 7.29 13.68 -8.72
C ILE B 278 6.52 12.40 -9.10
N ILE B 279 5.20 12.53 -9.20
CA ILE B 279 4.35 11.43 -9.61
C ILE B 279 3.45 11.84 -10.76
N GLU B 280 3.51 11.10 -11.87
CA GLU B 280 2.66 11.39 -13.04
C GLU B 280 1.82 10.20 -13.44
N GLU B 281 0.55 10.47 -13.73
CA GLU B 281 -0.28 9.53 -14.48
C GLU B 281 0.14 9.66 -15.94
N VAL B 282 0.47 8.54 -16.58
CA VAL B 282 0.92 8.58 -17.96
C VAL B 282 0.13 7.63 -18.84
N GLU B 283 0.21 7.83 -20.16
CA GLU B 283 -0.33 6.87 -21.12
C GLU B 283 0.77 5.90 -21.51
N ALA B 284 0.43 4.62 -21.55
CA ALA B 284 1.37 3.61 -22.05
C ALA B 284 0.88 3.03 -23.39
N ARG B 285 1.82 2.66 -24.25
CA ARG B 285 1.49 2.02 -25.51
C ARG B 285 2.43 0.84 -25.72
N SER B 286 1.93 -0.19 -26.36
CA SER B 286 2.73 -1.34 -26.70
C SER B 286 2.30 -1.84 -28.09
N ILE B 287 3.24 -2.33 -28.88
CA ILE B 287 2.90 -2.89 -30.18
C ILE B 287 3.41 -4.32 -30.27
N PHE B 288 2.76 -5.13 -31.12
CA PHE B 288 3.14 -6.51 -31.34
C PHE B 288 4.65 -6.59 -31.57
N PRO B 289 5.32 -7.57 -30.95
CA PRO B 289 4.84 -8.68 -30.11
C PRO B 289 4.77 -8.38 -28.60
N TYR B 290 4.65 -7.11 -28.23
CA TYR B 290 4.47 -6.71 -26.84
C TYR B 290 5.59 -7.14 -25.88
N ASP B 291 6.84 -6.96 -26.31
CA ASP B 291 8.01 -7.22 -25.46
C ASP B 291 8.39 -6.01 -24.64
N SER B 292 7.69 -4.91 -24.87
CA SER B 292 8.04 -3.64 -24.25
C SER B 292 6.89 -2.66 -24.33
N PHE B 293 6.99 -1.59 -23.55
CA PHE B 293 6.04 -0.49 -23.71
C PHE B 293 6.67 0.90 -23.60
N GLY B 294 5.99 1.88 -24.18
CA GLY B 294 6.47 3.25 -24.17
C GLY B 294 5.51 4.10 -23.38
N LEU B 295 6.08 5.05 -22.64
CA LEU B 295 5.28 5.95 -21.83
C LEU B 295 5.23 7.36 -22.43
N SER B 296 4.24 8.14 -22.02
CA SER B 296 4.10 9.49 -22.57
C SER B 296 5.16 10.41 -22.01
N THR B 297 5.98 9.93 -21.07
CA THR B 297 7.18 10.67 -20.66
C THR B 297 8.30 10.56 -21.72
N GLY B 298 8.15 9.65 -22.67
CA GLY B 298 9.22 9.35 -23.61
C GLY B 298 10.08 8.14 -23.23
N ASP B 299 9.87 7.59 -22.03
CA ASP B 299 10.66 6.44 -21.60
C ASP B 299 10.19 5.13 -22.25
N ILE B 300 11.14 4.28 -22.63
CA ILE B 300 10.80 2.93 -23.09
C ILE B 300 11.02 1.96 -21.94
N ILE B 301 10.02 1.14 -21.63
CA ILE B 301 10.15 0.10 -20.61
C ILE B 301 10.39 -1.27 -21.27
N TYR B 302 11.55 -1.87 -21.02
CA TYR B 302 11.94 -3.10 -21.71
C TYR B 302 11.40 -4.36 -21.05
N MET B 303 10.09 -4.41 -20.90
CA MET B 303 9.39 -5.54 -20.31
C MET B 303 7.99 -5.61 -20.93
N SER B 304 7.48 -6.82 -21.13
CA SER B 304 6.10 -6.98 -21.56
C SER B 304 5.13 -6.33 -20.57
N PRO B 305 4.08 -5.65 -21.06
CA PRO B 305 3.07 -5.07 -20.17
C PRO B 305 2.29 -6.17 -19.44
N PHE B 306 2.37 -7.39 -19.97
CA PHE B 306 1.62 -8.51 -19.42
C PHE B 306 2.52 -9.38 -18.57
N PHE B 307 3.73 -8.90 -18.31
CA PHE B 307 4.62 -9.60 -17.38
C PHE B 307 3.94 -9.72 -16.00
N GLY B 308 4.18 -10.83 -15.32
CA GLY B 308 3.61 -11.07 -14.01
C GLY B 308 4.03 -12.42 -13.47
N LEU B 309 3.57 -12.76 -12.26
CA LEU B 309 3.99 -13.99 -11.59
C LEU B 309 2.99 -15.15 -11.71
N ARG B 310 1.76 -14.85 -12.13
CA ARG B 310 0.68 -15.82 -12.18
C ARG B 310 0.28 -16.09 -13.63
N ASP B 311 -0.46 -17.19 -13.84
CA ASP B 311 -1.10 -17.46 -15.13
C ASP B 311 -0.13 -17.51 -16.31
N GLY B 312 1.07 -18.03 -16.08
CA GLY B 312 2.06 -18.13 -17.15
C GLY B 312 2.57 -16.79 -17.66
N ALA B 313 2.31 -15.72 -16.90
CA ALA B 313 2.79 -14.39 -17.27
C ALA B 313 4.31 -14.27 -17.11
N TYR B 314 4.89 -15.17 -16.32
CA TYR B 314 6.35 -15.21 -16.11
C TYR B 314 7.09 -15.63 -17.37
N ARG B 315 6.34 -16.07 -18.38
CA ARG B 315 6.91 -16.49 -19.65
C ARG B 315 7.14 -15.30 -20.61
N GLU B 316 6.55 -14.15 -20.28
CA GLU B 316 6.75 -12.93 -21.07
C GLU B 316 8.18 -12.40 -20.96
N HIS B 317 8.58 -11.57 -21.93
CA HIS B 317 9.96 -11.08 -21.97
C HIS B 317 10.25 -9.92 -21.02
N SER B 318 11.48 -9.89 -20.53
CA SER B 318 12.01 -8.77 -19.76
C SER B 318 13.52 -8.67 -19.87
N ASN B 319 14.05 -7.46 -19.99
CA ASN B 319 15.49 -7.24 -19.96
C ASN B 319 16.02 -6.87 -18.58
N TYR B 320 15.14 -6.88 -17.58
CA TYR B 320 15.53 -6.44 -16.25
C TYR B 320 15.79 -7.64 -15.32
N ALA B 321 16.74 -7.48 -14.41
CA ALA B 321 16.94 -8.45 -13.35
C ALA B 321 15.64 -8.53 -12.54
N MET B 322 15.24 -9.75 -12.16
CA MET B 322 13.96 -9.97 -11.48
C MET B 322 13.73 -9.13 -10.23
N ASP B 323 14.79 -8.73 -9.54
CA ASP B 323 14.61 -8.00 -8.30
C ASP B 323 14.19 -6.54 -8.49
N ARG B 324 14.19 -6.06 -9.73
CA ARG B 324 13.62 -4.77 -10.06
C ARG B 324 12.10 -4.87 -10.22
N PHE B 325 11.61 -6.10 -10.36
CA PHE B 325 10.18 -6.34 -10.56
C PHE B 325 9.43 -6.76 -9.29
N HIS B 326 8.29 -6.12 -9.05
CA HIS B 326 7.44 -6.46 -7.91
C HIS B 326 5.98 -6.58 -8.35
N GLN B 327 5.27 -7.59 -7.85
CA GLN B 327 3.84 -7.70 -8.15
C GLN B 327 3.02 -7.86 -6.88
N PHE B 328 2.04 -6.98 -6.70
CA PHE B 328 1.21 -6.98 -5.48
C PHE B 328 -0.24 -7.36 -5.78
N GLU B 329 -0.66 -8.53 -5.29
CA GLU B 329 -2.05 -8.97 -5.45
C GLU B 329 -3.00 -8.13 -4.60
N GLY B 330 -4.18 -7.84 -5.16
CA GLY B 330 -5.18 -7.05 -4.46
C GLY B 330 -4.70 -5.69 -3.97
N TYR B 331 -3.68 -5.15 -4.63
CA TYR B 331 -3.11 -3.87 -4.20
C TYR B 331 -4.12 -2.72 -4.32
N ARG B 332 -4.00 -1.77 -3.40
CA ARG B 332 -4.84 -0.57 -3.44
C ARG B 332 -4.01 0.71 -3.54
N GLN B 333 -4.21 1.40 -4.65
CA GLN B 333 -3.52 2.63 -4.96
C GLN B 333 -4.31 3.81 -4.37
N ARG B 334 -3.60 4.81 -3.86
CA ARG B 334 -4.21 6.04 -3.34
C ARG B 334 -4.48 7.02 -4.47
N ASP B 335 -5.66 7.62 -4.48
CA ASP B 335 -5.97 8.72 -5.38
C ASP B 335 -5.48 9.98 -4.70
N LEU B 336 -4.45 10.61 -5.26
CA LEU B 336 -3.80 11.73 -4.59
C LEU B 336 -4.70 12.95 -4.47
N ASP B 337 -5.71 13.03 -5.33
CA ASP B 337 -6.68 14.13 -5.28
C ASP B 337 -7.81 13.91 -4.27
N THR B 338 -8.36 12.71 -4.19
CA THR B 338 -9.48 12.47 -3.27
C THR B 338 -9.03 11.94 -1.91
N ARG B 339 -7.76 11.56 -1.82
CA ARG B 339 -7.13 11.03 -0.61
C ARG B 339 -7.69 9.67 -0.16
N ALA B 340 -8.45 9.01 -1.03
CA ALA B 340 -9.03 7.72 -0.70
C ALA B 340 -8.39 6.59 -1.49
N LEU B 341 -8.39 5.39 -0.92
CA LEU B 341 -7.84 4.22 -1.60
C LEU B 341 -8.75 3.85 -2.75
N LEU B 342 -8.15 3.45 -3.86
CA LEU B 342 -8.91 3.00 -5.03
C LEU B 342 -9.26 1.52 -4.89
N GLU B 343 -10.09 1.02 -5.80
CA GLU B 343 -10.51 -0.37 -5.78
C GLU B 343 -9.31 -1.29 -5.94
N PRO B 344 -9.33 -2.44 -5.26
CA PRO B 344 -8.18 -3.36 -5.32
C PRO B 344 -7.90 -3.88 -6.73
N ALA B 345 -6.63 -4.05 -7.07
CA ALA B 345 -6.24 -4.67 -8.34
C ALA B 345 -4.78 -5.10 -8.28
N ALA B 346 -4.50 -6.23 -8.93
CA ALA B 346 -3.13 -6.69 -9.09
C ALA B 346 -2.32 -5.56 -9.76
N ARG B 347 -1.22 -5.19 -9.11
CA ARG B 347 -0.40 -4.07 -9.51
C ARG B 347 1.08 -4.44 -9.66
N ASN B 348 1.65 -4.08 -10.81
CA ASN B 348 3.08 -4.24 -11.11
C ASN B 348 3.90 -3.00 -10.80
N PHE B 349 5.05 -3.18 -10.16
CA PHE B 349 6.05 -2.12 -10.04
C PHE B 349 7.39 -2.58 -10.63
N LEU B 350 7.92 -1.79 -11.55
CA LEU B 350 9.26 -2.04 -12.06
C LEU B 350 10.17 -0.83 -11.80
N VAL B 351 11.26 -1.05 -11.05
CA VAL B 351 12.22 0.04 -10.85
C VAL B 351 13.39 0.01 -11.85
N THR B 352 13.46 1.09 -12.64
CA THR B 352 14.51 1.29 -13.64
C THR B 352 15.52 2.31 -13.11
N PRO B 353 16.64 2.51 -13.82
CA PRO B 353 17.58 3.45 -13.21
C PRO B 353 17.10 4.91 -13.15
N HIS B 354 16.07 5.32 -13.88
CA HIS B 354 15.62 6.72 -13.73
C HIS B 354 14.21 6.90 -13.15
N LEU B 355 13.42 5.83 -13.08
CA LEU B 355 12.03 5.92 -12.61
C LEU B 355 11.48 4.56 -12.22
N THR B 356 10.43 4.57 -11.39
CA THR B 356 9.68 3.37 -11.08
C THR B 356 8.35 3.52 -11.79
N VAL B 357 7.94 2.47 -12.50
CA VAL B 357 6.66 2.47 -13.22
C VAL B 357 5.69 1.56 -12.46
N GLY B 358 4.49 2.07 -12.18
CA GLY B 358 3.45 1.26 -11.58
C GLY B 358 2.34 1.07 -12.60
N TRP B 359 1.82 -0.16 -12.72
CA TRP B 359 0.63 -0.37 -13.56
C TRP B 359 -0.22 -1.55 -13.12
N ASN B 360 -1.50 -1.51 -13.46
CA ASN B 360 -2.40 -2.60 -13.07
C ASN B 360 -2.39 -3.76 -14.04
N TRP B 361 -1.94 -4.92 -13.56
CA TRP B 361 -1.75 -6.09 -14.43
C TRP B 361 -3.04 -6.73 -14.97
N LYS B 362 -3.04 -7.01 -16.27
CA LYS B 362 -4.11 -7.82 -16.88
C LYS B 362 -3.47 -8.87 -17.78
N PRO B 363 -4.10 -10.06 -17.86
CA PRO B 363 -3.53 -11.11 -18.71
C PRO B 363 -3.66 -10.77 -20.20
N LYS B 364 -2.62 -11.13 -20.94
CA LYS B 364 -2.53 -10.90 -22.39
C LYS B 364 -3.80 -11.36 -23.15
N ARG B 365 -4.28 -12.56 -22.82
CA ARG B 365 -5.42 -13.18 -23.51
C ARG B 365 -6.65 -12.30 -23.61
N THR B 366 -6.83 -11.38 -22.66
CA THR B 366 -8.06 -10.60 -22.61
C THR B 366 -7.85 -9.17 -23.08
N GLU B 367 -6.65 -8.87 -23.53
CA GLU B 367 -6.32 -7.48 -23.86
C GLU B 367 -6.00 -7.26 -25.34
N VAL B 368 -5.21 -8.17 -25.91
CA VAL B 368 -4.75 -7.98 -27.28
C VAL B 368 -5.21 -9.07 -28.25
N CYS B 369 -5.59 -8.65 -29.44
CA CYS B 369 -5.93 -9.57 -30.53
C CYS B 369 -5.35 -9.07 -31.85
N SER B 370 -4.78 -9.97 -32.64
CA SER B 370 -4.19 -9.59 -33.93
C SER B 370 -5.24 -9.26 -35.00
N LEU B 371 -6.51 -9.52 -34.72
CA LEU B 371 -7.58 -9.23 -35.69
C LEU B 371 -8.66 -8.37 -35.04
N VAL B 372 -9.25 -7.44 -35.80
CA VAL B 372 -10.31 -6.58 -35.27
C VAL B 372 -11.49 -6.51 -36.22
N LYS B 373 -12.70 -6.40 -35.66
CA LYS B 373 -13.90 -6.34 -36.47
C LYS B 373 -13.82 -5.12 -37.41
N TRP B 374 -14.10 -5.37 -38.69
CA TRP B 374 -14.22 -4.29 -39.67
C TRP B 374 -15.68 -3.98 -39.90
N ARG B 375 -16.48 -5.05 -40.05
CA ARG B 375 -17.93 -4.90 -40.18
C ARG B 375 -18.66 -6.19 -39.86
N GLU B 376 -19.82 -6.04 -39.22
CA GLU B 376 -20.78 -7.13 -39.19
C GLU B 376 -21.77 -6.91 -40.33
N VAL B 377 -22.11 -7.99 -41.03
CA VAL B 377 -22.95 -7.89 -42.21
C VAL B 377 -24.16 -8.81 -42.11
N GLU B 378 -25.35 -8.22 -42.09
CA GLU B 378 -26.58 -9.00 -41.95
C GLU B 378 -27.03 -9.77 -43.20
N ASP B 379 -27.12 -9.10 -44.35
CA ASP B 379 -27.46 -9.80 -45.58
C ASP B 379 -26.23 -10.21 -46.38
N VAL B 380 -25.93 -11.51 -46.38
CA VAL B 380 -24.82 -12.02 -47.17
C VAL B 380 -25.25 -13.19 -48.06
N VAL B 381 -24.73 -13.20 -49.29
CA VAL B 381 -24.94 -14.31 -50.19
C VAL B 381 -23.62 -14.94 -50.62
N ARG B 382 -23.43 -16.21 -50.27
CA ARG B 382 -22.27 -16.95 -50.75
C ARG B 382 -22.67 -17.89 -51.91
N ASP B 383 -21.89 -17.85 -52.97
CA ASP B 383 -22.11 -18.73 -54.12
C ASP B 383 -20.76 -19.19 -54.67
N GLU B 384 -20.77 -20.26 -55.46
CA GLU B 384 -19.52 -20.75 -56.05
C GLU B 384 -19.24 -20.07 -57.36
N TYR B 385 -18.01 -19.59 -57.51
CA TYR B 385 -17.67 -18.67 -58.58
C TYR B 385 -16.18 -18.78 -58.84
N ALA B 386 -15.83 -19.25 -60.04
CA ALA B 386 -14.44 -19.42 -60.43
C ALA B 386 -13.70 -20.34 -59.45
N HIS B 387 -14.34 -21.46 -59.10
CA HIS B 387 -13.77 -22.45 -58.18
C HIS B 387 -13.43 -21.90 -56.79
N ASN B 388 -14.09 -20.81 -56.42
CA ASN B 388 -13.89 -20.14 -55.14
C ASN B 388 -15.22 -19.87 -54.47
N PHE B 389 -15.17 -19.27 -53.28
CA PHE B 389 -16.38 -18.71 -52.68
C PHE B 389 -16.45 -17.20 -52.92
N ARG B 390 -17.67 -16.71 -53.14
CA ARG B 390 -17.91 -15.30 -53.42
C ARG B 390 -18.93 -14.80 -52.41
N PHE B 391 -18.51 -13.81 -51.62
CA PHE B 391 -19.36 -13.24 -50.59
C PHE B 391 -19.85 -11.86 -51.03
N THR B 392 -21.04 -11.86 -51.63
CA THR B 392 -21.69 -10.66 -52.13
C THR B 392 -22.50 -10.03 -50.99
N MET B 393 -22.13 -8.81 -50.64
CA MET B 393 -22.78 -8.12 -49.53
C MET B 393 -23.43 -6.85 -50.05
N LYS B 394 -24.69 -6.95 -50.43
CA LYS B 394 -25.38 -5.89 -51.14
C LYS B 394 -25.51 -4.61 -50.32
N THR B 395 -25.47 -4.78 -49.00
CA THR B 395 -25.55 -3.67 -48.06
C THR B 395 -24.31 -2.76 -48.10
N LEU B 396 -23.16 -3.35 -48.42
CA LEU B 396 -21.89 -2.62 -48.48
C LEU B 396 -21.40 -2.35 -49.90
N SER B 397 -22.16 -2.80 -50.90
CA SER B 397 -21.74 -2.80 -52.31
C SER B 397 -20.32 -3.37 -52.44
N THR B 398 -20.09 -4.48 -51.76
CA THR B 398 -18.76 -5.03 -51.64
C THR B 398 -18.80 -6.54 -51.78
N THR B 399 -17.83 -7.09 -52.50
CA THR B 399 -17.79 -8.54 -52.66
C THR B 399 -16.40 -9.09 -52.37
N PHE B 400 -16.33 -10.08 -51.48
CA PHE B 400 -15.07 -10.70 -51.09
C PHE B 400 -14.95 -12.10 -51.69
N ILE B 401 -13.72 -12.51 -51.96
CA ILE B 401 -13.48 -13.80 -52.59
C ILE B 401 -12.43 -14.62 -51.85
N SER B 402 -12.82 -15.81 -51.42
CA SER B 402 -11.93 -16.75 -50.74
C SER B 402 -11.90 -18.08 -51.49
N GLU B 403 -10.91 -18.90 -51.16
CA GLU B 403 -10.93 -20.31 -51.55
C GLU B 403 -12.04 -21.02 -50.79
N THR B 404 -12.42 -22.21 -51.27
CA THR B 404 -13.54 -22.97 -50.69
C THR B 404 -13.16 -23.73 -49.42
N ASN B 405 -11.87 -24.04 -49.28
CA ASN B 405 -11.37 -24.53 -48.01
C ASN B 405 -11.50 -23.45 -46.95
N GLU B 406 -12.08 -23.80 -45.79
CA GLU B 406 -12.05 -22.91 -44.65
C GLU B 406 -10.61 -22.54 -44.25
N PHE B 407 -10.45 -21.39 -43.61
CA PHE B 407 -9.15 -20.99 -43.08
C PHE B 407 -9.07 -21.28 -41.60
N ASN B 408 -7.96 -21.89 -41.17
CA ASN B 408 -7.78 -22.18 -39.74
C ASN B 408 -7.01 -21.08 -39.02
N LEU B 409 -7.69 -20.42 -38.08
CA LEU B 409 -7.14 -19.28 -37.34
C LEU B 409 -5.97 -19.64 -36.41
N ASN B 410 -5.90 -20.90 -35.96
CA ASN B 410 -4.83 -21.35 -35.06
C ASN B 410 -3.43 -21.21 -35.66
N GLN B 411 -3.34 -20.83 -36.93
CA GLN B 411 -2.06 -20.53 -37.55
C GLN B 411 -1.63 -19.10 -37.25
N ILE B 412 -2.56 -18.29 -36.74
CA ILE B 412 -2.31 -16.86 -36.50
C ILE B 412 -2.15 -16.57 -35.01
N HIS B 413 -1.05 -15.91 -34.67
CA HIS B 413 -0.81 -15.44 -33.30
C HIS B 413 -1.99 -14.64 -32.77
N LEU B 414 -2.44 -14.96 -31.56
CA LEU B 414 -3.42 -14.17 -30.82
C LEU B 414 -4.72 -13.94 -31.62
N SER B 415 -5.25 -15.01 -32.20
CA SER B 415 -6.48 -14.92 -32.97
C SER B 415 -7.66 -15.48 -32.18
N GLN B 416 -7.44 -15.65 -30.88
CA GLN B 416 -8.42 -16.27 -29.98
C GLN B 416 -9.72 -15.48 -29.83
N CYS B 417 -9.64 -14.15 -29.96
CA CYS B 417 -10.81 -13.31 -29.75
C CYS B 417 -11.86 -13.39 -30.88
N VAL B 418 -11.44 -13.80 -32.08
CA VAL B 418 -12.32 -13.76 -33.25
C VAL B 418 -13.55 -14.68 -33.17
N LYS B 419 -13.32 -15.97 -32.93
CA LYS B 419 -14.39 -16.97 -32.89
C LYS B 419 -15.46 -16.64 -31.87
N GLU B 420 -15.04 -16.42 -30.63
CA GLU B 420 -15.95 -16.15 -29.51
C GLU B 420 -16.76 -14.87 -29.71
N GLU B 421 -16.09 -13.82 -30.19
CA GLU B 421 -16.75 -12.55 -30.46
C GLU B 421 -17.72 -12.61 -31.65
N ALA B 422 -17.31 -13.29 -32.71
CA ALA B 422 -18.15 -13.45 -33.90
C ALA B 422 -19.43 -14.22 -33.57
N ARG B 423 -19.28 -15.32 -32.82
CA ARG B 423 -20.39 -16.15 -32.38
C ARG B 423 -21.47 -15.29 -31.74
N ALA B 424 -21.07 -14.47 -30.78
CA ALA B 424 -22.01 -13.61 -30.07
C ALA B 424 -22.75 -12.68 -31.02
N ILE B 425 -22.00 -12.04 -31.91
CA ILE B 425 -22.57 -11.07 -32.86
C ILE B 425 -23.62 -11.72 -33.76
N ILE B 426 -23.24 -12.86 -34.34
CA ILE B 426 -24.11 -13.60 -35.25
C ILE B 426 -25.42 -14.00 -34.58
N ASN B 427 -25.34 -14.43 -33.32
CA ASN B 427 -26.54 -14.78 -32.54
C ASN B 427 -27.45 -13.59 -32.31
N ARG B 428 -26.88 -12.42 -32.06
CA ARG B 428 -27.66 -11.19 -31.98
C ARG B 428 -28.40 -10.94 -33.30
N ILE B 429 -27.68 -11.04 -34.42
CA ILE B 429 -28.27 -10.89 -35.75
C ILE B 429 -29.40 -11.89 -35.96
N TYR B 430 -29.13 -13.17 -35.72
CA TYR B 430 -30.09 -14.24 -35.97
C TYR B 430 -31.40 -14.11 -35.20
N THR B 431 -31.34 -13.77 -33.91
CA THR B 431 -32.56 -13.68 -33.11
C THR B 431 -33.29 -12.35 -33.26
N THR B 432 -32.68 -11.41 -33.97
CA THR B 432 -33.27 -10.08 -34.11
C THR B 432 -33.86 -9.84 -35.50
N ARG B 433 -33.33 -10.53 -36.51
CA ARG B 433 -33.81 -10.35 -37.88
C ARG B 433 -34.21 -11.68 -38.55
N TYR B 434 -33.66 -12.79 -38.08
CA TYR B 434 -33.87 -14.06 -38.73
C TYR B 434 -34.50 -15.12 -37.83
N ASN B 435 -35.12 -14.67 -36.73
CA ASN B 435 -35.67 -15.56 -35.72
C ASN B 435 -36.71 -16.53 -36.28
N SER B 436 -37.74 -15.98 -36.93
CA SER B 436 -38.82 -16.79 -37.51
C SER B 436 -38.49 -17.27 -38.93
N SER B 437 -38.03 -16.34 -39.77
CA SER B 437 -37.89 -16.56 -41.22
C SER B 437 -36.90 -17.66 -41.63
N HIS B 438 -35.72 -17.67 -41.01
CA HIS B 438 -34.68 -18.62 -41.41
C HIS B 438 -34.26 -19.52 -40.26
N VAL B 439 -33.44 -20.52 -40.57
CA VAL B 439 -32.81 -21.37 -39.56
C VAL B 439 -31.33 -21.61 -39.89
N ARG B 440 -30.49 -21.62 -38.87
CA ARG B 440 -29.07 -21.88 -39.08
C ARG B 440 -28.86 -23.32 -39.51
N THR B 441 -27.92 -23.54 -40.43
CA THR B 441 -27.70 -24.86 -41.00
C THR B 441 -26.31 -25.40 -40.71
N GLY B 442 -25.80 -25.14 -39.51
CA GLY B 442 -24.50 -25.66 -39.14
C GLY B 442 -23.68 -24.74 -38.26
N ASP B 443 -22.40 -25.09 -38.09
CA ASP B 443 -21.48 -24.28 -37.30
C ASP B 443 -20.84 -23.23 -38.19
N ILE B 444 -20.37 -22.15 -37.57
CA ILE B 444 -19.79 -21.03 -38.32
C ILE B 444 -18.53 -21.43 -39.07
N GLN B 445 -18.31 -20.80 -40.21
CA GLN B 445 -17.16 -21.11 -41.06
C GLN B 445 -16.28 -19.86 -41.21
N THR B 446 -14.97 -20.08 -41.28
CA THR B 446 -14.05 -18.97 -41.44
C THR B 446 -13.20 -19.08 -42.70
N TYR B 447 -13.18 -18.01 -43.47
CA TYR B 447 -12.41 -17.97 -44.71
C TYR B 447 -11.46 -16.78 -44.76
N LEU B 448 -10.35 -16.98 -45.46
CA LEU B 448 -9.43 -15.90 -45.74
C LEU B 448 -9.74 -15.35 -47.12
N ALA B 449 -10.46 -14.23 -47.18
CA ALA B 449 -10.75 -13.57 -48.44
C ALA B 449 -9.53 -12.82 -49.00
N ARG B 450 -9.56 -12.57 -50.30
CA ARG B 450 -8.53 -11.81 -51.00
C ARG B 450 -8.38 -10.42 -50.37
N GLY B 451 -7.14 -10.01 -50.14
CA GLY B 451 -6.86 -8.72 -49.51
C GLY B 451 -6.49 -8.82 -48.04
N GLY B 452 -6.54 -10.03 -47.48
CA GLY B 452 -6.22 -10.21 -46.07
C GLY B 452 -7.43 -9.96 -45.17
N PHE B 453 -8.60 -10.30 -45.65
CA PHE B 453 -9.81 -10.17 -44.84
C PHE B 453 -10.23 -11.53 -44.30
N VAL B 454 -10.64 -11.59 -43.04
CA VAL B 454 -11.16 -12.83 -42.49
C VAL B 454 -12.67 -12.75 -42.46
N VAL B 455 -13.32 -13.70 -43.13
CA VAL B 455 -14.77 -13.73 -43.18
C VAL B 455 -15.26 -14.86 -42.29
N VAL B 456 -16.14 -14.51 -41.36
CA VAL B 456 -16.72 -15.48 -40.44
C VAL B 456 -18.19 -15.59 -40.80
N PHE B 457 -18.57 -16.72 -41.41
CA PHE B 457 -19.86 -16.87 -42.10
C PHE B 457 -20.80 -17.91 -41.48
N GLN B 458 -22.02 -17.48 -41.14
CA GLN B 458 -23.04 -18.41 -40.65
C GLN B 458 -24.09 -18.74 -41.72
N PRO B 459 -24.02 -19.95 -42.30
CA PRO B 459 -25.05 -20.35 -43.27
C PRO B 459 -26.46 -20.29 -42.70
N LEU B 460 -27.35 -19.59 -43.39
CA LEU B 460 -28.76 -19.63 -43.06
C LEU B 460 -29.53 -20.45 -44.10
N LEU B 461 -30.78 -20.77 -43.80
CA LEU B 461 -31.69 -21.38 -44.75
C LEU B 461 -33.12 -21.11 -44.32
N SER B 462 -33.93 -20.60 -45.23
CA SER B 462 -35.33 -20.30 -44.95
C SER B 462 -36.11 -21.58 -44.66
N ASN B 463 -37.27 -21.42 -44.03
CA ASN B 463 -38.13 -22.54 -43.64
C ASN B 463 -38.36 -23.53 -44.80
N SER B 464 -38.60 -23.00 -46.00
CA SER B 464 -38.69 -23.82 -47.20
C SER B 464 -37.31 -24.30 -47.67
N ASN B 503 3.71 -20.18 -37.32
CA ASN B 503 2.72 -19.19 -36.91
C ASN B 503 3.01 -17.81 -37.50
N ARG B 504 2.01 -17.28 -38.21
CA ARG B 504 2.17 -16.05 -38.99
C ARG B 504 1.19 -14.98 -38.53
N THR B 505 1.23 -13.82 -39.20
CA THR B 505 0.17 -12.83 -39.09
C THR B 505 -0.45 -12.64 -40.47
N ILE B 506 -1.65 -12.08 -40.49
CA ILE B 506 -2.32 -11.73 -41.74
C ILE B 506 -2.09 -10.25 -42.01
N THR B 507 -1.66 -9.92 -43.22
CA THR B 507 -1.60 -8.52 -43.65
C THR B 507 -2.84 -8.13 -44.46
N THR B 508 -3.57 -7.14 -43.95
CA THR B 508 -4.74 -6.62 -44.61
C THR B 508 -4.33 -5.42 -45.46
N THR B 509 -4.81 -5.39 -46.70
CA THR B 509 -4.57 -4.27 -47.61
C THR B 509 -5.29 -3.02 -47.09
N SER B 510 -4.86 -1.84 -47.52
CA SER B 510 -5.39 -0.62 -46.90
C SER B 510 -6.65 -0.13 -47.60
N SER B 511 -7.07 -0.84 -48.63
CA SER B 511 -8.20 -0.38 -49.43
C SER B 511 -9.17 -1.47 -49.82
N VAL B 512 -10.47 -1.16 -49.74
CA VAL B 512 -11.49 -2.10 -50.25
C VAL B 512 -12.10 -1.76 -51.60
N GLU B 513 -11.58 -0.74 -52.29
CA GLU B 513 -12.14 -0.35 -53.59
C GLU B 513 -12.21 -1.54 -54.55
N PHE B 514 -11.18 -2.37 -54.55
CA PHE B 514 -11.12 -3.55 -55.42
C PHE B 514 -12.35 -4.44 -55.19
N ALA B 515 -12.79 -4.53 -53.95
CA ALA B 515 -13.96 -5.35 -53.59
C ALA B 515 -15.30 -4.66 -53.89
N MET B 516 -15.30 -3.32 -53.88
CA MET B 516 -16.50 -2.59 -54.30
C MET B 516 -16.58 -2.64 -55.83
N LEU B 517 -15.42 -2.50 -56.49
CA LEU B 517 -15.31 -2.71 -57.93
C LEU B 517 -15.79 -4.13 -58.30
N GLN B 518 -15.29 -5.13 -57.58
CA GLN B 518 -15.73 -6.51 -57.78
C GLN B 518 -17.25 -6.64 -57.73
N PHE B 519 -17.86 -6.05 -56.70
CA PHE B 519 -19.31 -6.08 -56.55
C PHE B 519 -20.02 -5.40 -57.75
N THR B 520 -19.56 -4.20 -58.08
CA THR B 520 -20.15 -3.40 -59.13
C THR B 520 -20.08 -4.09 -60.49
N TYR B 521 -18.92 -4.62 -60.85
CA TYR B 521 -18.77 -5.38 -62.08
C TYR B 521 -19.72 -6.58 -62.11
N ASP B 522 -19.69 -7.39 -61.05
CA ASP B 522 -20.52 -8.59 -60.96
C ASP B 522 -22.00 -8.28 -61.14
N HIS B 523 -22.43 -7.12 -60.63
CA HIS B 523 -23.83 -6.71 -60.59
C HIS B 523 -24.31 -6.26 -61.98
N ILE B 524 -23.50 -5.45 -62.64
CA ILE B 524 -23.77 -5.05 -64.01
C ILE B 524 -23.70 -6.25 -64.95
N GLN B 525 -22.67 -7.09 -64.80
CA GLN B 525 -22.52 -8.31 -65.60
C GLN B 525 -23.72 -9.22 -65.48
N GLU B 526 -24.13 -9.53 -64.24
CA GLU B 526 -25.26 -10.42 -63.98
C GLU B 526 -26.55 -9.93 -64.65
N HIS B 527 -26.75 -8.61 -64.65
CA HIS B 527 -27.96 -8.02 -65.16
C HIS B 527 -27.96 -7.91 -66.68
N VAL B 528 -26.89 -7.37 -67.27
CA VAL B 528 -26.86 -7.29 -68.73
C VAL B 528 -26.78 -8.69 -69.36
N ASN B 529 -26.05 -9.61 -68.73
CA ASN B 529 -26.00 -10.97 -69.25
C ASN B 529 -27.37 -11.65 -69.30
N GLU B 530 -28.19 -11.37 -68.29
CA GLU B 530 -29.53 -11.93 -68.21
C GLU B 530 -30.45 -11.28 -69.26
N MET B 531 -30.37 -9.96 -69.37
CA MET B 531 -31.15 -9.24 -70.37
C MET B 531 -30.73 -9.63 -71.79
N LEU B 532 -29.43 -9.87 -72.00
CA LEU B 532 -28.96 -10.31 -73.31
C LEU B 532 -29.45 -11.71 -73.67
N ALA B 533 -29.42 -12.62 -72.69
CA ALA B 533 -29.88 -13.99 -72.89
C ALA B 533 -31.37 -13.97 -73.28
N ARG B 534 -32.11 -13.03 -72.67
CA ARG B 534 -33.54 -12.87 -72.92
C ARG B 534 -33.84 -12.27 -74.30
N ILE B 535 -33.07 -11.26 -74.70
CA ILE B 535 -33.18 -10.71 -76.04
C ILE B 535 -32.93 -11.86 -77.01
N SER B 536 -31.87 -12.60 -76.74
CA SER B 536 -31.44 -13.74 -77.55
C SER B 536 -32.54 -14.80 -77.72
N SER B 537 -33.20 -15.13 -76.61
CA SER B 537 -34.25 -16.15 -76.60
C SER B 537 -35.53 -15.68 -77.34
N SER B 538 -35.97 -14.46 -77.05
CA SER B 538 -37.13 -13.88 -77.69
C SER B 538 -36.91 -13.68 -79.20
N TRP B 539 -35.69 -13.29 -79.58
CA TRP B 539 -35.37 -13.10 -80.99
C TRP B 539 -35.49 -14.40 -81.77
N CYS B 540 -34.88 -15.45 -81.23
CA CYS B 540 -34.93 -16.76 -81.88
C CYS B 540 -36.39 -17.28 -81.99
N GLN B 541 -37.17 -17.11 -80.92
CA GLN B 541 -38.60 -17.44 -80.98
C GLN B 541 -39.34 -16.63 -82.03
N LEU B 542 -39.02 -15.34 -82.14
CA LEU B 542 -39.68 -14.51 -83.14
C LEU B 542 -39.41 -15.05 -84.54
N GLN B 543 -38.14 -15.27 -84.90
CA GLN B 543 -37.80 -15.79 -86.24
C GLN B 543 -38.56 -17.09 -86.56
N ASN B 544 -38.56 -18.04 -85.62
CA ASN B 544 -39.22 -19.32 -85.83
C ASN B 544 -40.75 -19.16 -85.98
N ARG B 545 -41.35 -18.22 -85.24
CA ARG B 545 -42.76 -17.85 -85.46
C ARG B 545 -42.94 -17.29 -86.86
N GLU B 546 -42.15 -16.27 -87.21
CA GLU B 546 -42.32 -15.58 -88.49
C GLU B 546 -42.14 -16.50 -89.69
N ARG B 547 -41.30 -17.53 -89.56
CA ARG B 547 -41.13 -18.51 -90.64
C ARG B 547 -42.48 -18.99 -91.23
N ALA B 548 -43.48 -19.18 -90.37
CA ALA B 548 -44.81 -19.62 -90.81
C ALA B 548 -45.50 -18.60 -91.72
N LEU B 549 -45.26 -17.31 -91.45
CA LEU B 549 -45.73 -16.22 -92.32
C LEU B 549 -45.10 -16.33 -93.70
N TRP B 550 -43.77 -16.50 -93.73
CA TRP B 550 -43.06 -16.71 -94.99
C TRP B 550 -43.59 -17.93 -95.73
N SER B 551 -43.72 -19.06 -95.03
CA SER B 551 -44.13 -20.30 -95.68
C SER B 551 -45.55 -20.20 -96.23
N GLY B 552 -46.42 -19.50 -95.49
CA GLY B 552 -47.83 -19.44 -95.85
C GLY B 552 -48.14 -18.39 -96.91
N LEU B 553 -47.39 -17.30 -96.91
CA LEU B 553 -47.57 -16.26 -97.92
C LEU B 553 -46.87 -16.65 -99.22
N PHE B 554 -45.95 -17.60 -99.15
CA PHE B 554 -45.09 -17.90 -100.31
C PHE B 554 -45.82 -18.14 -101.65
N PRO B 555 -46.88 -18.97 -101.66
CA PRO B 555 -47.55 -19.21 -102.95
C PRO B 555 -48.31 -18.01 -103.50
N ILE B 556 -48.56 -16.99 -102.69
CA ILE B 556 -49.24 -15.78 -103.16
C ILE B 556 -48.28 -14.93 -104.01
N ASN B 557 -47.05 -14.76 -103.54
CA ASN B 557 -46.07 -14.02 -104.32
C ASN B 557 -44.66 -14.60 -104.14
N PRO B 558 -44.35 -15.67 -104.90
CA PRO B 558 -43.10 -16.43 -104.79
C PRO B 558 -41.89 -15.58 -105.14
N SER B 559 -41.96 -14.86 -106.26
CA SER B 559 -40.84 -14.04 -106.74
C SER B 559 -40.45 -12.93 -105.76
N ALA B 560 -41.45 -12.18 -105.30
CA ALA B 560 -41.17 -11.07 -104.39
C ALA B 560 -40.52 -11.53 -103.08
N LEU B 561 -40.99 -12.65 -102.55
CA LEU B 561 -40.45 -13.14 -101.27
C LEU B 561 -39.05 -13.70 -101.44
N ALA B 562 -38.86 -14.52 -102.48
CA ALA B 562 -37.53 -15.07 -102.78
C ALA B 562 -36.51 -13.95 -103.07
N SER B 563 -36.96 -12.89 -103.75
CA SER B 563 -36.08 -11.76 -104.06
C SER B 563 -35.53 -11.08 -102.80
N THR B 564 -36.40 -10.82 -101.82
CA THR B 564 -35.96 -10.22 -100.57
C THR B 564 -34.99 -11.14 -99.79
N ILE B 565 -35.35 -12.42 -99.65
CA ILE B 565 -34.49 -13.37 -98.93
C ILE B 565 -33.09 -13.47 -99.56
N LEU B 566 -33.05 -13.70 -100.86
CA LEU B 566 -31.79 -13.83 -101.61
C LEU B 566 -31.05 -12.49 -101.83
N ASP B 567 -31.67 -11.38 -101.44
CA ASP B 567 -31.16 -10.04 -101.77
C ASP B 567 -30.75 -9.94 -103.27
N GLN B 568 -31.56 -10.55 -104.14
CA GLN B 568 -31.25 -10.64 -105.56
C GLN B 568 -32.57 -10.68 -106.31
N ARG B 569 -32.65 -10.01 -107.46
CA ARG B 569 -33.90 -9.99 -108.19
C ARG B 569 -34.14 -11.30 -108.95
N VAL B 570 -35.11 -12.07 -108.47
CA VAL B 570 -35.39 -13.39 -109.07
C VAL B 570 -36.87 -13.57 -109.41
N LYS B 571 -37.12 -14.48 -110.35
CA LYS B 571 -38.47 -14.98 -110.55
C LYS B 571 -38.52 -16.36 -109.90
N ALA B 572 -39.57 -16.64 -109.14
CA ALA B 572 -39.67 -17.90 -108.42
C ALA B 572 -41.04 -18.52 -108.65
N ARG B 573 -41.09 -19.85 -108.68
CA ARG B 573 -42.35 -20.58 -108.67
C ARG B 573 -42.27 -21.76 -107.71
N ILE B 574 -43.44 -22.14 -107.20
CA ILE B 574 -43.59 -23.32 -106.36
C ILE B 574 -43.78 -24.59 -107.20
N LEU B 575 -43.01 -25.63 -106.88
CA LEU B 575 -43.15 -26.93 -107.55
C LEU B 575 -43.51 -27.98 -106.51
N GLY B 576 -44.75 -27.94 -106.03
CA GLY B 576 -45.17 -28.80 -104.93
C GLY B 576 -44.73 -28.16 -103.63
N ASP B 577 -43.70 -28.73 -103.00
CA ASP B 577 -43.22 -28.30 -101.69
C ASP B 577 -41.84 -27.66 -101.75
N VAL B 578 -41.47 -27.24 -102.94
CA VAL B 578 -40.13 -26.69 -103.13
C VAL B 578 -40.23 -25.44 -104.01
N ILE B 579 -39.23 -24.58 -103.91
CA ILE B 579 -39.22 -23.33 -104.65
C ILE B 579 -38.22 -23.39 -105.80
N SER B 580 -38.68 -23.08 -107.01
CA SER B 580 -37.82 -23.05 -108.18
C SER B 580 -37.49 -21.59 -108.55
N VAL B 581 -36.21 -21.26 -108.68
CA VAL B 581 -35.83 -19.86 -108.91
C VAL B 581 -34.96 -19.65 -110.15
N SER B 582 -34.95 -18.43 -110.65
CA SER B 582 -34.10 -18.04 -111.77
C SER B 582 -33.81 -16.55 -111.69
N ASN B 583 -32.62 -16.17 -112.14
CA ASN B 583 -32.18 -14.78 -112.03
C ASN B 583 -32.83 -13.86 -113.07
N CYS B 584 -33.20 -12.66 -112.65
CA CYS B 584 -33.69 -11.62 -113.57
C CYS B 584 -32.58 -10.61 -113.84
N PRO B 585 -31.85 -10.76 -114.95
CA PRO B 585 -30.78 -9.81 -115.29
C PRO B 585 -31.30 -8.42 -115.59
N GLU B 586 -30.51 -7.40 -115.27
CA GLU B 586 -30.90 -6.02 -115.55
C GLU B 586 -30.98 -5.76 -117.04
N LEU B 587 -31.94 -4.93 -117.43
CA LEU B 587 -31.94 -4.37 -118.77
C LEU B 587 -30.97 -3.19 -118.72
N GLY B 588 -30.00 -3.18 -119.62
CA GLY B 588 -28.98 -2.14 -119.60
C GLY B 588 -29.04 -1.25 -120.83
N SER B 589 -27.90 -1.09 -121.48
CA SER B 589 -27.79 -0.25 -122.68
C SER B 589 -28.57 -0.86 -123.84
N ASP B 590 -28.58 -0.17 -124.97
CA ASP B 590 -29.21 -0.62 -126.22
C ASP B 590 -30.70 -1.03 -126.13
N THR B 591 -31.42 -0.52 -125.14
CA THR B 591 -32.84 -0.80 -125.02
C THR B 591 -33.68 0.46 -124.81
N ARG B 592 -34.55 0.74 -125.78
CA ARG B 592 -35.52 1.82 -125.64
C ARG B 592 -36.89 1.23 -125.31
N ILE B 593 -37.58 1.86 -124.37
CA ILE B 593 -38.88 1.38 -123.92
C ILE B 593 -39.94 2.47 -124.04
N ILE B 594 -40.94 2.22 -124.89
CA ILE B 594 -42.01 3.19 -125.08
C ILE B 594 -43.35 2.69 -124.48
N LEU B 595 -43.96 3.56 -123.69
CA LEU B 595 -45.22 3.28 -123.02
C LEU B 595 -46.40 3.56 -123.96
N GLN B 596 -47.36 2.64 -124.04
CA GLN B 596 -48.54 2.85 -124.88
C GLN B 596 -49.66 3.55 -124.12
N ASN B 597 -50.47 4.34 -124.81
CA ASN B 597 -51.52 5.13 -124.16
C ASN B 597 -52.73 4.30 -123.72
N SER B 598 -53.04 3.27 -124.52
CA SER B 598 -54.27 2.49 -124.32
C SER B 598 -54.03 1.11 -123.71
N MET B 599 -54.76 0.81 -122.65
CA MET B 599 -54.80 -0.54 -122.10
C MET B 599 -56.03 -1.29 -122.61
N ARG B 600 -56.60 -0.80 -123.70
CA ARG B 600 -57.77 -1.44 -124.30
C ARG B 600 -57.36 -2.51 -125.32
N VAL B 601 -58.07 -3.64 -125.30
CA VAL B 601 -57.86 -4.68 -126.29
C VAL B 601 -58.56 -4.32 -127.59
N SER B 602 -57.83 -4.35 -128.70
CA SER B 602 -58.39 -4.06 -130.02
C SER B 602 -59.46 -5.06 -130.40
N GLY B 603 -60.65 -4.58 -130.71
CA GLY B 603 -61.72 -5.46 -131.15
C GLY B 603 -62.64 -5.87 -130.03
N SER B 604 -62.36 -5.39 -128.82
CA SER B 604 -63.19 -5.74 -127.68
C SER B 604 -63.65 -4.53 -126.87
N THR B 605 -64.66 -4.76 -126.03
CA THR B 605 -65.27 -3.72 -125.22
C THR B 605 -65.50 -4.29 -123.83
N THR B 606 -65.06 -5.53 -123.63
CA THR B 606 -65.29 -6.25 -122.38
C THR B 606 -64.00 -6.85 -121.85
N ARG B 607 -62.96 -6.83 -122.69
CA ARG B 607 -61.66 -7.36 -122.30
C ARG B 607 -60.60 -6.27 -122.39
N CYS B 608 -59.78 -6.16 -121.34
CA CYS B 608 -58.72 -5.14 -121.25
C CYS B 608 -57.42 -5.71 -120.71
N TYR B 609 -56.32 -4.99 -120.95
CA TYR B 609 -55.04 -5.33 -120.32
C TYR B 609 -55.03 -4.78 -118.91
N SER B 610 -54.53 -5.58 -117.97
CA SER B 610 -54.66 -5.22 -116.56
C SER B 610 -53.53 -4.29 -116.19
N ARG B 611 -52.55 -4.23 -117.07
CA ARG B 611 -51.33 -3.45 -116.87
C ARG B 611 -50.92 -2.81 -118.20
N PRO B 612 -50.20 -1.68 -118.14
CA PRO B 612 -49.89 -0.95 -119.38
C PRO B 612 -49.04 -1.74 -120.39
N LEU B 613 -49.25 -1.48 -121.67
CA LEU B 613 -48.45 -2.07 -122.73
C LEU B 613 -47.16 -1.30 -122.94
N ILE B 614 -46.10 -2.02 -123.30
CA ILE B 614 -44.84 -1.38 -123.68
C ILE B 614 -44.27 -2.02 -124.93
N SER B 615 -43.65 -1.20 -125.77
CA SER B 615 -42.88 -1.69 -126.89
C SER B 615 -41.40 -1.61 -126.54
N ILE B 616 -40.71 -2.74 -126.69
CA ILE B 616 -39.29 -2.82 -126.36
C ILE B 616 -38.44 -2.87 -127.62
N VAL B 617 -37.91 -1.72 -128.00
CA VAL B 617 -37.12 -1.59 -129.22
C VAL B 617 -35.68 -2.03 -128.99
N SER B 618 -35.24 -3.06 -129.72
CA SER B 618 -33.84 -3.48 -129.67
C SER B 618 -32.99 -2.58 -130.58
N LEU B 619 -31.85 -2.11 -130.06
CA LEU B 619 -30.97 -1.23 -130.81
C LEU B 619 -29.92 -1.99 -131.63
N ASN B 620 -30.24 -3.23 -132.00
CA ASN B 620 -29.38 -4.01 -132.87
C ASN B 620 -30.20 -4.68 -133.98
N GLY B 621 -31.40 -4.15 -134.21
CA GLY B 621 -32.22 -4.58 -135.33
C GLY B 621 -32.93 -5.91 -135.18
N SER B 622 -32.90 -6.45 -133.96
CA SER B 622 -33.54 -7.73 -133.65
C SER B 622 -35.08 -7.69 -133.75
N GLY B 623 -35.63 -6.48 -133.76
CA GLY B 623 -37.06 -6.29 -133.84
C GLY B 623 -37.63 -5.73 -132.54
N THR B 624 -38.87 -5.31 -132.59
CA THR B 624 -39.54 -4.75 -131.42
C THR B 624 -40.39 -5.81 -130.71
N VAL B 625 -40.24 -5.89 -129.39
CA VAL B 625 -41.05 -6.79 -128.57
C VAL B 625 -42.29 -6.09 -128.00
N GLU B 626 -43.46 -6.61 -128.34
CA GLU B 626 -44.70 -6.12 -127.74
C GLU B 626 -44.88 -6.76 -126.37
N GLY B 627 -44.52 -6.02 -125.32
CA GLY B 627 -44.64 -6.54 -123.96
C GLY B 627 -45.62 -5.80 -123.08
N GLN B 628 -45.43 -5.91 -121.77
CA GLN B 628 -46.14 -5.04 -120.83
C GLN B 628 -45.40 -4.80 -119.54
N LEU B 629 -45.72 -3.68 -118.90
CA LEU B 629 -45.04 -3.28 -117.70
C LEU B 629 -45.49 -4.15 -116.53
N GLY B 630 -44.58 -4.94 -115.99
CA GLY B 630 -44.89 -5.70 -114.79
C GLY B 630 -44.67 -4.88 -113.53
N THR B 631 -44.57 -5.56 -112.39
CA THR B 631 -44.38 -4.91 -111.11
C THR B 631 -42.89 -4.71 -110.83
N ASP B 632 -42.57 -3.67 -110.04
CA ASP B 632 -41.20 -3.38 -109.64
C ASP B 632 -40.21 -3.30 -110.80
N ASN B 633 -40.63 -2.60 -111.86
CA ASN B 633 -39.83 -2.36 -113.04
C ASN B 633 -39.38 -3.60 -113.82
N GLU B 634 -40.19 -4.65 -113.77
CA GLU B 634 -39.98 -5.78 -114.66
C GLU B 634 -40.71 -5.53 -115.98
N LEU B 635 -40.05 -5.87 -117.08
CA LEU B 635 -40.71 -5.84 -118.38
C LEU B 635 -41.05 -7.28 -118.78
N ILE B 636 -42.31 -7.51 -119.14
CA ILE B 636 -42.76 -8.84 -119.47
C ILE B 636 -42.81 -8.99 -120.98
N MET B 637 -42.29 -10.11 -121.49
CA MET B 637 -42.07 -10.30 -122.92
C MET B 637 -43.31 -10.73 -123.71
N SER B 638 -44.47 -10.65 -123.06
CA SER B 638 -45.73 -10.95 -123.73
C SER B 638 -46.79 -10.00 -123.24
N ARG B 639 -48.02 -10.21 -123.71
CA ARG B 639 -49.16 -9.41 -123.27
C ARG B 639 -50.28 -10.32 -122.80
N ASP B 640 -50.03 -11.02 -121.70
CA ASP B 640 -50.98 -12.02 -121.21
C ASP B 640 -51.65 -11.65 -119.89
N LEU B 641 -51.46 -10.40 -119.44
CA LEU B 641 -52.13 -9.92 -118.24
C LEU B 641 -53.40 -9.17 -118.61
N LEU B 642 -54.51 -9.90 -118.66
CA LEU B 642 -55.81 -9.34 -119.05
C LEU B 642 -56.86 -9.43 -117.95
N GLU B 643 -57.92 -8.64 -118.07
CA GLU B 643 -58.97 -8.62 -117.06
C GLU B 643 -60.25 -8.13 -117.72
N PRO B 644 -61.41 -8.39 -117.08
CA PRO B 644 -62.62 -7.74 -117.59
C PRO B 644 -62.50 -6.22 -117.39
N CYS B 645 -62.90 -5.44 -118.38
CA CYS B 645 -62.95 -3.98 -118.27
C CYS B 645 -63.91 -3.51 -117.17
N VAL B 646 -63.36 -3.03 -116.07
CA VAL B 646 -64.15 -2.51 -114.95
C VAL B 646 -64.56 -1.05 -115.18
N ALA B 647 -65.60 -0.59 -114.48
CA ALA B 647 -65.98 0.82 -114.51
C ALA B 647 -65.13 1.57 -113.49
N ASN B 648 -65.01 2.88 -113.65
CA ASN B 648 -64.29 3.72 -112.68
C ASN B 648 -62.86 3.25 -112.49
N HIS B 649 -62.19 2.99 -113.60
CA HIS B 649 -60.84 2.43 -113.61
C HIS B 649 -59.83 3.52 -113.31
N LYS B 650 -59.06 3.34 -112.24
CA LYS B 650 -58.02 4.26 -111.82
C LYS B 650 -56.82 3.46 -111.36
N ARG B 651 -55.67 3.63 -112.03
CA ARG B 651 -54.44 2.89 -111.66
C ARG B 651 -53.17 3.76 -111.73
N TYR B 652 -52.34 3.64 -110.70
CA TYR B 652 -50.97 4.18 -110.70
C TYR B 652 -49.97 3.04 -110.92
N PHE B 653 -49.21 3.10 -112.02
CA PHE B 653 -48.17 2.08 -112.22
C PHE B 653 -46.76 2.62 -112.11
N LEU B 654 -45.91 1.89 -111.39
CA LEU B 654 -44.49 2.28 -111.27
C LEU B 654 -43.79 2.06 -112.60
N PHE B 655 -43.09 3.09 -113.07
CA PHE B 655 -42.39 3.05 -114.37
C PHE B 655 -41.11 3.85 -114.29
N GLY B 656 -40.00 3.16 -114.04
CA GLY B 656 -38.76 3.83 -113.69
C GLY B 656 -38.85 4.49 -112.33
N HIS B 657 -38.65 5.80 -112.30
CA HIS B 657 -38.72 6.57 -111.06
C HIS B 657 -39.97 7.43 -110.97
N HIS B 658 -40.92 7.20 -111.88
CA HIS B 658 -42.21 7.90 -111.82
C HIS B 658 -43.37 6.93 -111.70
N TYR B 659 -44.47 7.41 -111.14
CA TYR B 659 -45.74 6.72 -111.31
C TYR B 659 -46.40 7.21 -112.57
N VAL B 660 -46.96 6.27 -113.32
CA VAL B 660 -47.65 6.61 -114.53
C VAL B 660 -49.12 6.31 -114.26
N TYR B 661 -49.99 7.27 -114.59
CA TYR B 661 -51.39 7.22 -114.13
C TYR B 661 -52.40 6.95 -115.25
N TYR B 662 -53.27 5.98 -115.04
CA TYR B 662 -54.31 5.67 -116.03
C TYR B 662 -55.71 5.80 -115.42
N GLU B 663 -56.62 6.39 -116.20
CA GLU B 663 -58.04 6.43 -115.88
C GLU B 663 -58.80 5.84 -117.05
N ASP B 664 -59.67 4.88 -116.76
CA ASP B 664 -60.45 4.22 -117.82
C ASP B 664 -59.59 3.67 -118.94
N TYR B 665 -58.50 3.01 -118.57
CA TYR B 665 -57.64 2.30 -119.53
C TYR B 665 -56.93 3.24 -120.52
N ARG B 666 -56.84 4.52 -120.18
CA ARG B 666 -56.07 5.49 -120.99
C ARG B 666 -55.04 6.27 -120.18
N TYR B 667 -53.88 6.50 -120.77
CA TYR B 667 -52.83 7.28 -120.12
C TYR B 667 -53.30 8.71 -119.82
N VAL B 668 -53.03 9.18 -118.60
CA VAL B 668 -53.43 10.54 -118.23
C VAL B 668 -52.22 11.41 -117.97
N ARG B 669 -51.40 11.01 -117.00
CA ARG B 669 -50.27 11.83 -116.60
C ARG B 669 -49.16 11.00 -115.95
N GLU B 670 -47.99 11.63 -115.82
CA GLU B 670 -46.86 11.05 -115.11
C GLU B 670 -46.70 11.81 -113.81
N ILE B 671 -46.24 11.13 -112.78
CA ILE B 671 -46.16 11.68 -111.42
C ILE B 671 -44.87 11.18 -110.80
N ALA B 672 -44.16 12.05 -110.07
CA ALA B 672 -42.92 11.63 -109.41
C ALA B 672 -43.24 10.75 -108.21
N VAL B 673 -42.45 9.68 -108.03
CA VAL B 673 -42.55 8.83 -106.86
C VAL B 673 -42.52 9.66 -105.57
N HIS B 674 -41.66 10.68 -105.57
CA HIS B 674 -41.53 11.58 -104.42
C HIS B 674 -42.82 12.34 -104.07
N ASP B 675 -43.68 12.55 -105.06
CA ASP B 675 -44.94 13.25 -104.83
C ASP B 675 -45.95 12.36 -104.10
N VAL B 676 -45.63 11.07 -103.97
CA VAL B 676 -46.55 10.14 -103.32
C VAL B 676 -46.13 9.88 -101.89
N GLY B 677 -47.03 10.21 -100.97
CA GLY B 677 -46.79 10.04 -99.54
C GLY B 677 -46.45 8.60 -99.16
N MET B 678 -45.57 8.46 -98.17
CA MET B 678 -45.16 7.14 -97.68
C MET B 678 -45.85 6.76 -96.37
N ILE B 679 -46.18 5.47 -96.24
CA ILE B 679 -46.49 4.88 -94.93
C ILE B 679 -45.42 3.84 -94.65
N SER B 680 -45.01 3.74 -93.39
CA SER B 680 -43.86 2.89 -93.05
C SER B 680 -44.24 1.63 -92.28
N THR B 681 -43.67 0.51 -92.72
CA THR B 681 -43.79 -0.75 -92.00
C THR B 681 -42.61 -0.88 -91.02
N TYR B 682 -41.62 -0.01 -91.19
CA TYR B 682 -40.40 -0.05 -90.36
C TYR B 682 -40.65 0.44 -88.91
N VAL B 683 -40.51 -0.46 -87.94
CA VAL B 683 -40.55 -0.04 -86.53
C VAL B 683 -39.20 0.54 -86.10
N ASP B 684 -39.17 1.82 -85.74
CA ASP B 684 -37.94 2.49 -85.30
C ASP B 684 -37.37 1.96 -83.99
N LEU B 685 -36.06 1.77 -83.99
CA LEU B 685 -35.32 1.43 -82.79
C LEU B 685 -34.01 2.22 -82.82
N ASN B 686 -33.89 3.18 -81.91
CA ASN B 686 -32.76 4.10 -81.92
C ASN B 686 -31.77 3.75 -80.79
N LEU B 687 -30.69 3.06 -81.13
CA LEU B 687 -29.70 2.68 -80.13
C LEU B 687 -28.43 3.51 -80.24
N THR B 688 -27.98 4.07 -79.11
CA THR B 688 -26.76 4.86 -79.09
C THR B 688 -25.68 4.20 -78.24
N LEU B 689 -24.43 4.52 -78.52
CA LEU B 689 -23.28 3.88 -77.87
C LEU B 689 -22.79 4.62 -76.61
N LEU B 690 -22.27 3.86 -75.66
CA LEU B 690 -21.57 4.40 -74.48
C LEU B 690 -20.33 5.17 -74.94
N LYS B 691 -20.21 6.43 -74.52
CA LYS B 691 -19.07 7.25 -74.99
C LYS B 691 -17.76 6.97 -74.24
N ASP B 692 -16.64 7.37 -74.83
CA ASP B 692 -15.35 7.28 -74.16
C ASP B 692 -15.29 8.17 -72.92
N ARG B 693 -14.63 7.67 -71.86
CA ARG B 693 -14.36 8.43 -70.63
C ARG B 693 -12.93 8.20 -70.16
N GLU B 694 -12.30 9.25 -69.66
CA GLU B 694 -10.99 9.09 -69.02
C GLU B 694 -11.06 9.44 -67.54
N PHE B 695 -10.61 8.50 -66.72
CA PHE B 695 -10.58 8.71 -65.28
C PHE B 695 -9.25 9.29 -64.85
N MET B 696 -9.32 10.34 -64.04
CA MET B 696 -8.14 11.02 -63.55
C MET B 696 -7.72 10.44 -62.19
N PRO B 697 -6.39 10.39 -61.94
CA PRO B 697 -5.92 9.94 -60.63
C PRO B 697 -6.24 10.97 -59.56
N LEU B 698 -7.52 11.09 -59.25
CA LEU B 698 -8.01 12.04 -58.26
C LEU B 698 -7.60 11.62 -56.87
N GLN B 699 -7.03 12.56 -56.12
CA GLN B 699 -6.68 12.34 -54.73
C GLN B 699 -7.33 13.40 -53.84
N VAL B 700 -7.75 12.99 -52.64
CA VAL B 700 -8.19 13.96 -51.67
C VAL B 700 -6.96 14.65 -51.03
N TYR B 701 -6.06 13.85 -50.46
CA TYR B 701 -4.82 14.36 -49.88
C TYR B 701 -3.62 13.69 -50.53
N THR B 702 -2.61 14.48 -50.91
CA THR B 702 -1.36 13.90 -51.42
C THR B 702 -0.60 13.20 -50.28
N ARG B 703 0.49 12.52 -50.62
CA ARG B 703 1.36 11.91 -49.61
C ARG B 703 1.94 13.00 -48.71
N ASP B 704 2.37 14.10 -49.33
CA ASP B 704 2.94 15.22 -48.58
C ASP B 704 1.96 15.78 -47.56
N GLU B 705 0.76 16.13 -48.00
CA GLU B 705 -0.30 16.57 -47.10
C GLU B 705 -0.51 15.61 -45.93
N LEU B 706 -0.55 14.31 -46.23
CA LEU B 706 -0.73 13.29 -45.19
C LEU B 706 0.48 13.18 -44.23
N ARG B 707 1.61 13.78 -44.62
CA ARG B 707 2.80 13.85 -43.75
C ARG B 707 2.91 15.22 -43.08
N ASP B 708 1.93 16.09 -43.32
CA ASP B 708 2.04 17.49 -42.93
C ASP B 708 1.04 17.86 -41.84
N THR B 709 0.68 16.86 -41.01
CA THR B 709 -0.42 17.01 -40.05
C THR B 709 0.09 17.12 -38.62
N GLY B 710 1.40 16.91 -38.44
CA GLY B 710 1.99 16.89 -37.11
C GLY B 710 2.67 18.19 -36.71
N LEU B 711 2.83 18.38 -35.41
CA LEU B 711 3.43 19.60 -34.91
C LEU B 711 4.91 19.65 -35.24
N LEU B 712 5.63 18.56 -34.97
CA LEU B 712 7.06 18.48 -35.28
C LEU B 712 7.39 17.21 -36.04
N ASP B 713 8.39 17.29 -36.93
CA ASP B 713 8.94 16.10 -37.58
C ASP B 713 10.36 15.79 -37.02
N TYR B 714 10.50 14.64 -36.37
CA TYR B 714 11.77 14.20 -35.78
C TYR B 714 13.01 14.40 -36.69
N SER B 715 13.01 13.75 -37.86
CA SER B 715 14.13 13.82 -38.82
C SER B 715 14.52 15.26 -39.17
N GLU B 716 13.52 16.08 -39.43
CA GLU B 716 13.72 17.48 -39.75
C GLU B 716 14.35 18.27 -38.58
N ILE B 717 13.87 18.04 -37.36
CA ILE B 717 14.45 18.69 -36.20
C ILE B 717 15.91 18.25 -36.05
N GLN B 718 16.17 16.96 -36.25
CA GLN B 718 17.54 16.43 -36.10
C GLN B 718 18.48 16.95 -37.19
N ARG B 719 18.03 16.95 -38.44
CA ARG B 719 18.83 17.49 -39.53
C ARG B 719 19.31 18.89 -39.21
N ARG B 720 18.40 19.71 -38.68
CA ARG B 720 18.70 21.11 -38.43
C ARG B 720 19.52 21.32 -37.17
N ASN B 721 19.27 20.51 -36.15
CA ASN B 721 19.88 20.82 -34.86
C ASN B 721 21.19 20.11 -34.54
N GLN B 722 21.44 18.98 -35.18
CA GLN B 722 22.75 18.32 -35.02
C GLN B 722 23.87 19.07 -35.75
N MET B 723 23.50 20.02 -36.62
CA MET B 723 24.43 20.93 -37.29
C MET B 723 24.91 22.05 -36.38
N HIS B 724 24.33 22.15 -35.18
CA HIS B 724 24.52 23.30 -34.31
C HIS B 724 26.01 23.61 -34.12
N SER B 725 26.81 22.58 -33.82
CA SER B 725 28.24 22.80 -33.59
C SER B 725 28.96 23.35 -34.82
N LEU B 726 28.65 22.83 -35.99
CA LEU B 726 29.29 23.29 -37.23
C LEU B 726 28.82 24.70 -37.63
N ARG B 727 27.57 25.05 -37.32
CA ARG B 727 27.00 26.31 -37.77
C ARG B 727 27.53 27.50 -36.99
N PHE B 728 27.84 27.30 -35.72
CA PHE B 728 28.12 28.43 -34.85
C PHE B 728 29.50 28.38 -34.21
N TYR B 729 30.21 27.28 -34.40
CA TYR B 729 31.55 27.12 -33.82
C TYR B 729 32.56 26.64 -34.87
N ASP B 730 33.84 26.91 -34.62
CA ASP B 730 34.91 26.37 -35.44
C ASP B 730 35.42 25.12 -34.71
N ILE B 731 34.96 23.94 -35.13
CA ILE B 731 35.29 22.69 -34.44
C ILE B 731 36.63 22.10 -34.88
N ASP B 732 37.17 22.60 -35.99
CA ASP B 732 38.41 22.07 -36.57
C ASP B 732 39.67 22.80 -36.07
N LYS B 733 39.47 23.99 -35.54
CA LYS B 733 40.55 24.79 -34.97
C LYS B 733 41.05 24.15 -33.67
N VAL B 734 42.38 24.00 -33.56
CA VAL B 734 43.00 23.49 -32.34
C VAL B 734 43.98 24.50 -31.72
N VAL B 735 43.67 24.91 -30.49
CA VAL B 735 44.42 25.94 -29.79
C VAL B 735 45.56 25.33 -28.96
N GLN B 736 46.76 25.90 -29.09
CA GLN B 736 47.91 25.51 -28.29
C GLN B 736 47.90 26.20 -26.93
C1 NAG C . -35.74 1.12 27.60
C2 NAG C . -35.69 2.59 27.23
C3 NAG C . -35.26 3.40 28.45
C4 NAG C . -36.13 3.12 29.66
C5 NAG C . -36.31 1.61 29.84
C6 NAG C . -37.32 1.34 30.93
C7 NAG C . -35.15 3.02 24.90
C8 NAG C . -34.12 2.97 23.80
N2 NAG C . -34.75 2.82 26.15
O3 NAG C . -35.25 4.77 28.11
O4 NAG C . -35.48 3.51 30.84
O5 NAG C . -36.69 0.97 28.63
O6 NAG C . -37.52 -0.07 31.04
O7 NAG C . -36.33 3.24 24.65
C1 NAG C . -35.64 4.89 31.15
C2 NAG C . -35.76 4.98 32.66
C3 NAG C . -35.69 6.42 33.16
C4 NAG C . -34.54 7.19 32.49
C5 NAG C . -34.62 6.98 30.99
C6 NAG C . -33.50 7.66 30.21
C7 NAG C . -37.00 3.39 33.98
C8 NAG C . -38.27 2.62 34.18
N2 NAG C . -37.00 4.37 33.08
O3 NAG C . -35.54 6.38 34.56
O4 NAG C . -34.63 8.57 32.78
O5 NAG C . -34.52 5.61 30.71
O6 NAG C . -33.74 7.34 28.85
O7 NAG C . -35.99 3.12 34.65
C1 BMA C . -33.72 8.96 33.83
C2 BMA C . -33.28 10.39 33.51
C3 BMA C . -32.53 11.02 34.72
C4 BMA C . -33.25 10.77 36.03
C5 BMA C . -33.47 9.28 36.22
C6 BMA C . -34.15 9.00 37.55
O2 BMA C . -34.40 11.24 33.21
O3 BMA C . -32.31 12.41 34.55
O4 BMA C . -32.47 11.26 37.09
O5 BMA C . -34.31 8.83 35.11
O6 BMA C . -34.47 7.63 37.65
C1 MAN C . -35.02 7.36 38.96
C2 MAN C . -35.12 5.85 39.22
C3 MAN C . -36.17 5.22 38.30
C4 MAN C . -37.50 5.98 38.41
C5 MAN C . -37.32 7.50 38.33
C6 MAN C . -38.59 8.26 38.73
O2 MAN C . -35.48 5.64 40.57
O3 MAN C . -36.32 3.83 38.58
O4 MAN C . -38.38 5.52 37.40
O5 MAN C . -36.29 7.96 39.19
O6 MAN C . -39.40 8.58 37.62
C1 MAN C . -35.41 3.00 37.83
C2 MAN C . -36.02 1.60 37.60
C3 MAN C . -35.96 0.76 38.88
C4 MAN C . -34.55 0.77 39.44
C5 MAN C . -34.18 2.24 39.68
C6 MAN C . -32.86 2.39 40.45
O2 MAN C . -35.38 0.93 36.54
O3 MAN C . -36.36 -0.57 38.64
O4 MAN C . -34.49 0.03 40.65
O5 MAN C . -34.13 2.90 38.42
O6 MAN C . -33.06 1.96 41.77
C1 MAN C . -38.74 9.49 36.70
C2 MAN C . -38.91 10.94 37.16
C3 MAN C . -40.40 11.29 37.24
C4 MAN C . -41.14 10.86 35.96
C5 MAN C . -40.73 9.47 35.50
C6 MAN C . -41.36 9.10 34.16
O2 MAN C . -38.27 11.82 36.27
O3 MAN C . -40.53 12.67 37.45
O4 MAN C . -42.54 10.87 36.19
O5 MAN C . -39.31 9.39 35.41
O6 MAN C . -41.01 7.78 33.83
C1 MAN C . -31.09 12.62 33.83
C2 MAN C . -30.29 13.67 34.59
C3 MAN C . -31.09 14.96 34.61
C4 MAN C . -31.56 15.34 33.20
C5 MAN C . -32.24 14.17 32.52
C6 MAN C . -32.68 14.52 31.10
O2 MAN C . -29.03 13.85 33.97
O3 MAN C . -30.31 16.00 35.18
O4 MAN C . -32.50 16.40 33.27
O5 MAN C . -31.32 13.09 32.52
O6 MAN C . -33.78 13.73 30.69
C1 NAG D . 23.81 -2.71 85.69
C2 NAG D . 23.27 -3.03 87.09
C3 NAG D . 22.09 -4.00 87.02
C4 NAG D . 21.08 -3.67 85.93
C5 NAG D . 21.69 -3.06 84.67
C6 NAG D . 20.62 -2.32 83.87
C7 NAG D . 24.70 -2.93 89.06
C8 NAG D . 25.90 -3.49 89.77
N2 NAG D . 24.32 -3.56 87.96
O3 NAG D . 21.46 -4.04 88.29
O4 NAG D . 20.43 -4.86 85.54
O5 NAG D . 22.76 -2.16 84.93
O6 NAG D . 21.09 -2.12 82.55
O7 NAG D . 24.11 -1.93 89.49
C1 NAG D . 19.18 -5.06 86.23
C2 NAG D . 18.13 -5.47 85.19
C3 NAG D . 16.78 -5.81 85.82
C4 NAG D . 16.88 -6.58 87.14
C5 NAG D . 18.07 -6.16 88.00
C6 NAG D . 18.32 -7.15 89.14
C7 NAG D . 17.89 -4.76 82.91
C8 NAG D . 16.98 -3.96 82.03
N2 NAG D . 17.92 -4.44 84.19
O3 NAG D . 16.03 -6.57 84.89
O4 NAG D . 15.71 -6.21 87.83
O5 NAG D . 19.25 -6.05 87.23
O6 NAG D . 19.55 -6.85 89.78
O7 NAG D . 18.57 -5.68 82.43
C1 BMA D . 14.72 -7.24 87.95
C2 BMA D . 14.00 -6.75 89.18
C3 BMA D . 12.75 -7.54 89.44
C4 BMA D . 11.84 -7.51 88.22
C5 BMA D . 12.58 -8.11 87.03
C6 BMA D . 11.73 -7.98 85.79
O2 BMA D . 13.58 -5.40 88.95
O3 BMA D . 12.08 -6.99 90.56
O4 BMA D . 10.64 -8.24 88.46
O5 BMA D . 13.84 -7.39 86.81
O6 BMA D . 11.80 -9.17 84.99
C1 MAN D . 12.76 -7.45 91.75
C2 MAN D . 11.67 -7.92 92.69
C3 MAN D . 10.76 -6.70 92.91
C4 MAN D . 11.58 -5.59 93.57
C5 MAN D . 12.82 -5.27 92.76
C6 MAN D . 13.75 -4.33 93.53
O2 MAN D . 12.25 -8.36 93.90
O3 MAN D . 9.62 -7.04 93.66
O4 MAN D . 10.78 -4.43 93.73
O5 MAN D . 13.54 -6.46 92.41
O6 MAN D . 14.81 -3.89 92.71
C1 MAN D . 12.63 -9.06 83.81
C2 MAN D . 13.21 -7.68 83.48
C3 MAN D . 12.24 -6.74 82.74
C4 MAN D . 11.45 -7.47 81.67
C5 MAN D . 10.89 -8.78 82.23
C6 MAN D . 10.07 -9.51 81.17
O2 MAN D . 14.40 -7.83 82.72
O3 MAN D . 12.96 -5.66 82.17
O4 MAN D . 10.40 -6.66 81.20
O5 MAN D . 11.95 -9.59 82.67
O6 MAN D . 8.99 -10.18 81.75
C1 NAG E . -31.35 8.67 -81.01
C2 NAG E . -31.68 9.95 -81.79
C3 NAG E . -30.68 11.07 -81.51
C4 NAG E . -30.51 11.31 -80.01
C5 NAG E . -30.23 10.02 -79.25
C6 NAG E . -30.41 10.24 -77.75
C7 NAG E . -32.87 10.00 -83.93
C8 NAG E . -32.77 9.96 -85.42
N2 NAG E . -31.77 9.72 -83.23
O3 NAG E . -31.10 12.26 -82.14
O4 NAG E . -29.47 12.26 -79.81
O5 NAG E . -31.07 8.92 -79.63
O6 NAG E . -29.77 9.23 -77.00
O7 NAG E . -33.94 10.29 -83.39
C1 NAG E . -29.89 13.39 -79.03
C2 NAG E . -28.62 14.07 -78.46
C3 NAG E . -28.79 15.54 -78.04
C4 NAG E . -29.82 16.30 -78.87
C5 NAG E . -31.09 15.44 -78.97
C6 NAG E . -32.27 16.18 -79.57
C7 NAG E . -27.01 12.56 -77.38
C8 NAG E . -26.62 11.84 -76.12
N2 NAG E . -28.12 13.30 -77.33
O3 NAG E . -27.55 16.20 -78.17
O4 NAG E . -30.11 17.54 -78.28
O5 NAG E . -30.76 14.28 -79.72
O6 NAG E . -31.96 16.70 -80.84
O7 NAG E . -26.31 12.45 -78.39
C1 NAG F . 65.04 -25.53 106.21
C2 NAG F . 66.32 -26.24 105.75
C3 NAG F . 67.30 -25.34 104.99
C4 NAG F . 66.61 -24.38 104.03
C5 NAG F . 65.43 -23.70 104.72
C6 NAG F . 64.74 -22.71 103.77
C7 NAG F . 67.10 -28.13 107.07
C8 NAG F . 67.80 -28.61 108.32
N2 NAG F . 66.99 -26.82 106.90
O3 NAG F . 68.19 -26.13 104.24
O4 NAG F . 67.51 -23.39 103.55
O5 NAG F . 64.53 -24.68 105.19
O6 NAG F . 63.34 -22.87 103.79
O7 NAG F . 66.68 -28.95 106.25
C1 NAG G . 3.67 25.22 -5.71
C2 NAG G . 2.95 24.95 -4.39
C3 NAG G . 1.43 25.12 -4.37
C4 NAG G . 0.78 25.63 -5.66
C5 NAG G . 1.63 25.39 -6.91
C6 NAG G . 1.01 26.04 -8.14
C7 NAG G . 4.44 23.18 -3.60
C8 NAG G . 4.93 21.90 -4.23
N2 NAG G . 3.24 23.57 -4.04
O3 NAG G . 1.08 26.00 -3.32
O4 NAG G . -0.47 24.96 -5.81
O5 NAG G . 2.93 25.93 -6.69
O6 NAG G . 1.23 27.42 -8.13
O7 NAG G . 5.11 23.79 -2.76
C1 NAG H . -29.57 -8.13 -130.38
C2 NAG H . -29.45 -9.65 -130.33
C3 NAG H . -30.46 -10.26 -129.35
C4 NAG H . -30.30 -9.56 -128.01
C5 NAG H . -30.57 -8.07 -128.17
C6 NAG H . -30.46 -7.35 -126.83
C7 NAG H . -29.38 -11.49 -131.98
C8 NAG H . -30.15 -12.06 -133.13
N2 NAG H . -29.62 -10.21 -131.67
O3 NAG H . -30.26 -11.64 -129.20
O4 NAG H . -31.18 -10.13 -127.06
O5 NAG H . -29.66 -7.50 -129.11
O6 NAG H . -29.28 -7.76 -126.16
O7 NAG H . -28.57 -12.19 -131.37
#